data_6NCR
#
_entry.id   6NCR
#
_cell.length_a   50.890
_cell.length_b   61.050
_cell.length_c   246.160
_cell.angle_alpha   90.000
_cell.angle_beta   90.000
_cell.angle_gamma   90.000
#
_symmetry.space_group_name_H-M   'P 21 21 21'
#
loop_
_entity.id
_entity.type
_entity.pdbx_description
1 polymer 'Tryptophan--tRNA ligase'
2 non-polymer TRYPTOPHAN
3 non-polymer 'ACETATE ION'
4 non-polymer 1,2-ETHANEDIOL
5 non-polymer 'CALCIUM ION'
6 water water
#
_entity_poly.entity_id   1
_entity_poly.type   'polypeptide(L)'
_entity_poly.pdbx_seq_one_letter_code
;MAHHHHHHMKKKRVLTGDRPTGKLHLGHWIGSIMNRLQLQNDSRYDCFFIIADLHTLTTKTRKEEILQIDNHIYDVLADW
LSVGIDPEKSAIYLQSAIPEIYELNLIFSMLTPLNHIMGIPSIKEMARNASLNEESLSHGLIGYPVLQSADILLAKAHLV
PVGKDNEAHVELTRDIAKTFNRLYGEVFPEPDILQGELTALVGTNGQGKMSKSANNAIYLSDDAKTVQEKIRKLYTDPNR
IHATTPGRVEGNPLFIYHDLFNPHKEEVEEFKTRYRQGCIRDVEVKARLAEEINLFLNPFREKRSELVAQPKFLEEALQQ
GTEKMRTVARETMEEVHDHLGLSRKWRTILASSK
;
_entity_poly.pdbx_strand_id   A,B
#
# COMPACT_ATOMS: atom_id res chain seq x y z
N LYS A 10 7.10 -25.51 19.21
CA LYS A 10 8.44 -25.65 18.67
C LYS A 10 8.41 -25.75 17.14
N LYS A 11 7.21 -25.61 16.56
CA LYS A 11 7.05 -25.72 15.12
C LYS A 11 7.37 -24.40 14.45
N LYS A 12 8.18 -24.44 13.40
CA LYS A 12 8.54 -23.26 12.64
C LYS A 12 7.59 -23.11 11.46
N ARG A 13 7.26 -21.87 11.13
CA ARG A 13 6.33 -21.60 10.05
C ARG A 13 7.08 -21.37 8.73
N VAL A 14 6.58 -22.01 7.68
CA VAL A 14 7.10 -21.89 6.32
C VAL A 14 6.06 -21.17 5.50
N LEU A 15 6.50 -20.19 4.70
CA LEU A 15 5.57 -19.54 3.77
C LEU A 15 6.23 -19.42 2.42
N THR A 16 5.54 -19.86 1.38
CA THR A 16 5.96 -19.63 0.01
C THR A 16 4.72 -19.75 -0.87
N GLY A 17 4.89 -19.50 -2.16
CA GLY A 17 3.76 -19.60 -3.04
C GLY A 17 4.04 -18.92 -4.37
N ASP A 18 2.96 -18.56 -5.06
CA ASP A 18 3.05 -18.13 -6.44
C ASP A 18 1.95 -17.15 -6.78
N ARG A 19 2.27 -16.19 -7.63
CA ARG A 19 1.23 -15.50 -8.40
C ARG A 19 0.48 -16.52 -9.25
N PRO A 20 -0.86 -16.49 -9.27
CA PRO A 20 -1.60 -17.42 -10.15
C PRO A 20 -1.48 -16.99 -11.61
N THR A 21 -0.75 -17.76 -12.42
CA THR A 21 -0.57 -17.43 -13.82
C THR A 21 -1.05 -18.52 -14.76
N GLY A 22 -1.39 -19.68 -14.24
CA GLY A 22 -1.81 -20.77 -15.08
C GLY A 22 -1.26 -22.09 -14.58
N LYS A 23 -1.23 -23.04 -15.50
CA LYS A 23 -0.88 -24.43 -15.21
C LYS A 23 0.60 -24.56 -14.86
N LEU A 24 0.91 -25.61 -14.09
CA LEU A 24 2.29 -25.90 -13.70
C LEU A 24 2.99 -26.81 -14.70
N HIS A 25 4.30 -26.62 -14.83
CA HIS A 25 5.09 -27.41 -15.76
C HIS A 25 6.21 -28.11 -15.01
N LEU A 26 6.97 -28.93 -15.76
CA LEU A 26 8.01 -29.75 -15.15
C LEU A 26 9.05 -28.91 -14.43
N GLY A 27 9.29 -27.68 -14.89
CA GLY A 27 10.24 -26.83 -14.22
C GLY A 27 9.78 -26.42 -12.84
N HIS A 28 8.47 -26.17 -12.69
CA HIS A 28 7.90 -25.90 -11.37
C HIS A 28 8.08 -27.08 -10.45
N TRP A 29 7.87 -28.30 -10.97
CA TRP A 29 8.03 -29.49 -10.15
C TRP A 29 9.45 -29.61 -9.62
N ILE A 30 10.43 -29.54 -10.51
CA ILE A 30 11.82 -29.71 -10.11
C ILE A 30 12.29 -28.53 -9.27
N GLY A 31 11.94 -27.31 -9.68
CA GLY A 31 12.49 -26.12 -9.05
C GLY A 31 11.91 -25.79 -7.69
N SER A 32 10.63 -26.11 -7.45
CA SER A 32 10.04 -25.70 -6.18
C SER A 32 9.02 -26.68 -5.59
N ILE A 33 8.22 -27.38 -6.39
CA ILE A 33 7.12 -28.16 -5.81
C ILE A 33 7.65 -29.35 -5.01
N MET A 34 8.67 -30.02 -5.54
CA MET A 34 9.25 -31.15 -4.82
CA MET A 34 9.28 -31.15 -4.83
C MET A 34 9.73 -30.73 -3.44
N ASN A 35 10.39 -29.57 -3.34
CA ASN A 35 10.81 -29.09 -2.04
C ASN A 35 9.62 -28.70 -1.16
N ARG A 36 8.54 -28.19 -1.74
CA ARG A 36 7.38 -27.86 -0.91
C ARG A 36 6.76 -29.11 -0.29
N LEU A 37 6.71 -30.21 -1.04
CA LEU A 37 6.23 -31.46 -0.46
C LEU A 37 7.15 -31.92 0.67
N GLN A 38 8.47 -31.81 0.45
CA GLN A 38 9.41 -32.22 1.48
C GLN A 38 9.19 -31.43 2.77
N LEU A 39 8.99 -30.11 2.65
CA LEU A 39 8.76 -29.30 3.84
C LEU A 39 7.42 -29.65 4.48
N GLN A 40 6.39 -29.84 3.67
CA GLN A 40 5.07 -30.16 4.21
C GLN A 40 5.08 -31.46 5.00
N ASN A 41 5.81 -32.46 4.51
CA ASN A 41 5.87 -33.76 5.18
C ASN A 41 6.74 -33.75 6.43
N ASP A 42 7.43 -32.64 6.70
CA ASP A 42 8.34 -32.57 7.84
C ASP A 42 7.58 -32.07 9.07
N SER A 43 7.65 -32.85 10.15
CA SER A 43 6.93 -32.51 11.38
C SER A 43 7.45 -31.23 12.03
N ARG A 44 8.65 -30.78 11.67
CA ARG A 44 9.16 -29.54 12.26
C ARG A 44 8.48 -28.29 11.72
N TYR A 45 7.70 -28.39 10.63
CA TYR A 45 7.21 -27.20 9.95
C TYR A 45 5.70 -27.13 9.86
N ASP A 46 5.19 -25.91 9.83
CA ASP A 46 3.80 -25.59 9.56
CA ASP A 46 3.80 -25.60 9.55
C ASP A 46 3.79 -24.73 8.30
N CYS A 47 3.29 -25.27 7.18
CA CYS A 47 3.41 -24.61 5.89
C CYS A 47 2.19 -23.78 5.51
N PHE A 48 2.47 -22.61 4.98
CA PHE A 48 1.48 -21.69 4.40
C PHE A 48 1.84 -21.51 2.94
N PHE A 49 0.89 -21.73 2.04
CA PHE A 49 1.13 -21.58 0.61
C PHE A 49 0.22 -20.49 0.07
N ILE A 50 0.80 -19.38 -0.35
CA ILE A 50 0.02 -18.22 -0.79
C ILE A 50 -0.25 -18.34 -2.28
N ILE A 51 -1.50 -18.06 -2.66
CA ILE A 51 -1.86 -17.77 -4.04
C ILE A 51 -1.97 -16.25 -4.12
N ALA A 52 -1.00 -15.61 -4.77
CA ALA A 52 -0.76 -14.18 -4.56
C ALA A 52 -1.44 -13.38 -5.66
N ASP A 53 -2.79 -13.32 -5.57
CA ASP A 53 -3.54 -12.66 -6.63
C ASP A 53 -3.34 -11.14 -6.64
N LEU A 54 -3.12 -10.51 -5.47
CA LEU A 54 -2.85 -9.06 -5.48
C LEU A 54 -1.57 -8.76 -6.23
N HIS A 55 -0.56 -9.61 -6.09
CA HIS A 55 0.68 -9.34 -6.80
C HIS A 55 0.52 -9.37 -8.31
N THR A 56 -0.51 -10.05 -8.84
CA THR A 56 -0.68 -9.98 -10.28
C THR A 56 -1.00 -8.58 -10.77
N LEU A 57 -1.56 -7.72 -9.90
CA LEU A 57 -1.87 -6.36 -10.35
C LEU A 57 -0.64 -5.49 -10.54
N THR A 58 0.53 -5.93 -10.06
CA THR A 58 1.73 -5.13 -10.26
C THR A 58 2.12 -5.06 -11.72
N THR A 59 1.71 -6.03 -12.54
CA THR A 59 1.96 -5.98 -13.98
C THR A 59 0.74 -6.21 -14.85
N LYS A 60 -0.36 -6.73 -14.32
CA LYS A 60 -1.53 -7.04 -15.14
C LYS A 60 -2.75 -6.32 -14.58
N THR A 61 -3.12 -5.18 -15.18
CA THR A 61 -4.25 -4.39 -14.72
C THR A 61 -5.39 -4.27 -15.71
N ARG A 62 -5.26 -4.76 -16.94
CA ARG A 62 -6.37 -4.69 -17.89
CA ARG A 62 -6.37 -4.68 -17.88
C ARG A 62 -7.51 -5.56 -17.41
N LYS A 63 -8.76 -5.12 -17.67
CA LYS A 63 -9.90 -5.89 -17.19
C LYS A 63 -9.85 -7.33 -17.70
N GLU A 64 -9.44 -7.51 -18.95
CA GLU A 64 -9.37 -8.85 -19.55
C GLU A 64 -8.33 -9.72 -18.87
N GLU A 65 -7.25 -9.13 -18.35
CA GLU A 65 -6.27 -9.90 -17.61
C GLU A 65 -6.78 -10.23 -16.21
N ILE A 66 -7.43 -9.27 -15.56
CA ILE A 66 -7.90 -9.52 -14.20
C ILE A 66 -8.96 -10.60 -14.20
N LEU A 67 -9.79 -10.60 -15.23
CA LEU A 67 -10.85 -11.60 -15.37
C LEU A 67 -10.31 -13.02 -15.34
N GLN A 68 -9.10 -13.24 -15.90
CA GLN A 68 -8.54 -14.58 -15.98
C GLN A 68 -7.98 -15.09 -14.66
N ILE A 69 -7.87 -14.23 -13.65
CA ILE A 69 -7.28 -14.68 -12.39
C ILE A 69 -8.10 -15.82 -11.78
N ASP A 70 -9.44 -15.72 -11.82
CA ASP A 70 -10.26 -16.82 -11.31
C ASP A 70 -9.87 -18.14 -11.94
N ASN A 71 -9.64 -18.16 -13.25
CA ASN A 71 -9.24 -19.39 -13.94
C ASN A 71 -7.86 -19.84 -13.52
N HIS A 72 -6.94 -18.89 -13.39
CA HIS A 72 -5.57 -19.24 -12.97
C HIS A 72 -5.57 -19.85 -11.56
N ILE A 73 -6.40 -19.32 -10.65
CA ILE A 73 -6.45 -19.87 -9.29
C ILE A 73 -6.94 -21.31 -9.33
N TYR A 74 -7.95 -21.56 -10.16
CA TYR A 74 -8.44 -22.92 -10.36
C TYR A 74 -7.32 -23.85 -10.79
N ASP A 75 -6.55 -23.43 -11.81
CA ASP A 75 -5.50 -24.27 -12.35
C ASP A 75 -4.40 -24.52 -11.31
N VAL A 76 -4.06 -23.50 -10.52
CA VAL A 76 -3.05 -23.66 -9.47
C VAL A 76 -3.51 -24.67 -8.43
N LEU A 77 -4.73 -24.51 -7.93
CA LEU A 77 -5.23 -25.46 -6.93
C LEU A 77 -5.26 -26.88 -7.48
N ALA A 78 -5.75 -27.06 -8.71
CA ALA A 78 -5.80 -28.41 -9.26
C ALA A 78 -4.40 -29.01 -9.36
N ASP A 79 -3.43 -28.24 -9.85
CA ASP A 79 -2.09 -28.79 -9.99
C ASP A 79 -1.45 -29.03 -8.62
N TRP A 80 -1.59 -28.08 -7.69
CA TRP A 80 -0.99 -28.25 -6.36
C TRP A 80 -1.57 -29.47 -5.66
N LEU A 81 -2.89 -29.59 -5.62
CA LEU A 81 -3.49 -30.74 -4.95
CA LEU A 81 -3.48 -30.74 -4.94
C LEU A 81 -3.15 -32.04 -5.66
N SER A 82 -3.04 -32.00 -6.99
CA SER A 82 -2.78 -33.23 -7.74
C SER A 82 -1.41 -33.80 -7.44
N VAL A 83 -0.42 -32.97 -7.10
CA VAL A 83 0.91 -33.49 -6.74
C VAL A 83 1.04 -33.77 -5.25
N GLY A 84 0.06 -33.38 -4.43
CA GLY A 84 0.07 -33.80 -3.04
C GLY A 84 0.22 -32.68 -2.04
N ILE A 85 0.23 -31.42 -2.49
CA ILE A 85 0.03 -30.33 -1.54
C ILE A 85 -1.28 -30.60 -0.81
N ASP A 86 -1.23 -30.63 0.52
CA ASP A 86 -2.31 -31.19 1.33
C ASP A 86 -3.00 -30.07 2.10
N PRO A 87 -4.30 -29.83 1.88
CA PRO A 87 -4.95 -28.65 2.46
C PRO A 87 -5.31 -28.77 3.92
N GLU A 88 -5.25 -29.97 4.49
CA GLU A 88 -5.43 -30.13 5.91
C GLU A 88 -4.10 -29.93 6.65
N LYS A 89 -3.00 -30.42 6.08
CA LYS A 89 -1.69 -30.26 6.71
C LYS A 89 -1.13 -28.85 6.52
N SER A 90 -1.29 -28.29 5.33
CA SER A 90 -0.82 -26.96 5.02
C SER A 90 -2.01 -26.03 4.84
N ALA A 91 -1.74 -24.73 4.80
CA ALA A 91 -2.79 -23.73 4.64
C ALA A 91 -2.61 -23.06 3.28
N ILE A 92 -3.43 -23.46 2.31
CA ILE A 92 -3.43 -22.86 0.99
C ILE A 92 -4.42 -21.70 1.03
N TYR A 93 -3.95 -20.48 0.77
CA TYR A 93 -4.85 -19.34 0.98
C TYR A 93 -4.73 -18.33 -0.14
N LEU A 94 -5.79 -17.52 -0.27
CA LEU A 94 -5.86 -16.48 -1.30
C LEU A 94 -5.47 -15.15 -0.67
N GLN A 95 -4.43 -14.53 -1.22
CA GLN A 95 -3.85 -13.34 -0.63
C GLN A 95 -4.89 -12.23 -0.45
N SER A 96 -5.69 -11.97 -1.48
CA SER A 96 -6.64 -10.84 -1.42
C SER A 96 -7.72 -11.04 -0.37
N ALA A 97 -7.91 -12.28 0.08
CA ALA A 97 -8.93 -12.61 1.06
C ALA A 97 -8.45 -12.45 2.49
N ILE A 98 -7.22 -11.97 2.70
CA ILE A 98 -6.72 -11.75 4.06
C ILE A 98 -6.82 -10.25 4.34
N PRO A 99 -7.85 -9.79 5.07
CA PRO A 99 -8.08 -8.33 5.15
C PRO A 99 -6.91 -7.55 5.72
N GLU A 100 -6.15 -8.16 6.65
CA GLU A 100 -5.04 -7.47 7.29
C GLU A 100 -3.88 -7.18 6.35
N ILE A 101 -3.83 -7.81 5.18
CA ILE A 101 -2.66 -7.63 4.31
C ILE A 101 -2.57 -6.19 3.85
N TYR A 102 -3.71 -5.53 3.62
CA TYR A 102 -3.65 -4.17 3.10
C TYR A 102 -3.08 -3.19 4.12
N GLU A 103 -3.46 -3.33 5.39
CA GLU A 103 -2.93 -2.44 6.42
C GLU A 103 -1.46 -2.74 6.70
N LEU A 104 -1.08 -4.02 6.76
CA LEU A 104 0.32 -4.27 7.03
C LEU A 104 1.18 -3.78 5.87
N ASN A 105 0.69 -3.93 4.63
CA ASN A 105 1.41 -3.39 3.49
C ASN A 105 1.65 -1.90 3.65
N LEU A 106 0.63 -1.14 4.06
CA LEU A 106 0.82 0.29 4.22
CA LEU A 106 0.82 0.29 4.21
C LEU A 106 1.82 0.61 5.31
N ILE A 107 1.74 -0.08 6.44
CA ILE A 107 2.71 0.15 7.52
C ILE A 107 4.13 -0.09 7.00
N PHE A 108 4.33 -1.22 6.31
CA PHE A 108 5.68 -1.52 5.84
C PHE A 108 6.14 -0.54 4.77
N SER A 109 5.23 -0.05 3.93
CA SER A 109 5.56 1.00 2.97
CA SER A 109 5.59 0.99 2.98
C SER A 109 6.17 2.20 3.68
N MET A 110 5.60 2.57 4.84
CA MET A 110 6.09 3.71 5.60
C MET A 110 7.46 3.43 6.21
N LEU A 111 7.85 2.17 6.32
CA LEU A 111 9.11 1.81 6.96
C LEU A 111 10.21 1.50 5.96
N THR A 112 9.93 1.57 4.66
CA THR A 112 10.89 1.10 3.65
C THR A 112 11.43 2.27 2.85
N PRO A 113 12.72 2.58 2.91
CA PRO A 113 13.26 3.64 2.05
C PRO A 113 13.19 3.24 0.59
N LEU A 114 12.85 4.21 -0.26
CA LEU A 114 12.72 3.93 -1.69
C LEU A 114 14.05 3.43 -2.27
N ASN A 115 15.16 3.99 -1.81
CA ASN A 115 16.45 3.56 -2.35
C ASN A 115 16.76 2.11 -2.00
N HIS A 116 16.15 1.57 -0.95
CA HIS A 116 16.32 0.16 -0.63
C HIS A 116 15.53 -0.74 -1.55
N ILE A 117 14.49 -0.21 -2.20
CA ILE A 117 13.74 -0.98 -3.18
C ILE A 117 14.39 -0.92 -4.56
N MET A 118 14.84 0.28 -4.94
CA MET A 118 15.27 0.51 -6.32
C MET A 118 16.59 -0.17 -6.61
N GLY A 119 17.34 -0.55 -5.58
CA GLY A 119 18.56 -1.31 -5.78
C GLY A 119 18.35 -2.80 -5.91
N ILE A 120 17.16 -3.30 -5.57
CA ILE A 120 16.86 -4.73 -5.75
C ILE A 120 17.02 -5.09 -7.23
N PRO A 121 17.79 -6.13 -7.58
CA PRO A 121 18.12 -6.31 -9.00
C PRO A 121 16.90 -6.51 -9.89
N SER A 122 15.87 -7.22 -9.43
CA SER A 122 14.68 -7.39 -10.24
C SER A 122 14.01 -6.06 -10.51
N ILE A 123 13.91 -5.21 -9.49
CA ILE A 123 13.27 -3.90 -9.65
C ILE A 123 14.13 -2.98 -10.50
N LYS A 124 15.44 -2.99 -10.25
CA LYS A 124 16.36 -2.20 -11.07
C LYS A 124 16.22 -2.54 -12.53
N GLU A 125 16.09 -3.82 -12.85
CA GLU A 125 15.99 -4.22 -14.25
C GLU A 125 14.67 -3.78 -14.84
N MET A 126 13.58 -3.93 -14.09
CA MET A 126 12.29 -3.48 -14.59
C MET A 126 12.31 -1.97 -14.82
N ALA A 127 12.99 -1.23 -13.93
CA ALA A 127 13.04 0.22 -14.06
C ALA A 127 13.86 0.62 -15.27
N ARG A 128 14.98 -0.06 -15.52
CA ARG A 128 15.77 0.22 -16.70
C ARG A 128 14.98 -0.08 -17.98
N ASN A 129 14.24 -1.19 -18.00
CA ASN A 129 13.45 -1.51 -19.19
CA ASN A 129 13.44 -1.51 -19.18
C ASN A 129 12.31 -0.50 -19.36
N ALA A 130 11.71 -0.05 -18.27
CA ALA A 130 10.64 0.94 -18.38
C ALA A 130 11.17 2.25 -18.98
N SER A 131 12.30 2.74 -18.47
CA SER A 131 12.90 3.95 -19.01
C SER A 131 13.26 3.78 -20.49
N LEU A 132 13.83 2.63 -20.82
CA LEU A 132 14.16 2.35 -22.22
C LEU A 132 12.93 2.52 -23.12
N ASN A 133 11.78 2.09 -22.62
CA ASN A 133 10.53 2.09 -23.35
C ASN A 133 9.68 3.31 -23.07
N GLU A 134 10.24 4.33 -22.43
CA GLU A 134 9.56 5.59 -22.12
C GLU A 134 8.30 5.34 -21.30
N GLU A 135 8.38 4.39 -20.38
CA GLU A 135 7.32 4.08 -19.43
C GLU A 135 7.82 4.33 -18.02
N SER A 136 6.89 4.28 -17.07
CA SER A 136 7.20 4.48 -15.66
C SER A 136 6.55 3.35 -14.87
N LEU A 137 7.31 2.73 -13.99
CA LEU A 137 6.74 1.65 -13.19
C LEU A 137 5.69 2.22 -12.24
N SER A 138 4.67 1.41 -11.95
CA SER A 138 3.68 1.87 -10.99
C SER A 138 4.26 1.88 -9.58
N HIS A 139 3.68 2.73 -8.73
CA HIS A 139 4.06 2.72 -7.31
C HIS A 139 3.87 1.33 -6.72
N GLY A 140 2.82 0.62 -7.18
CA GLY A 140 2.53 -0.70 -6.65
C GLY A 140 3.54 -1.75 -7.11
N LEU A 141 4.01 -1.65 -8.35
CA LEU A 141 5.05 -2.57 -8.80
C LEU A 141 6.34 -2.33 -8.05
N ILE A 142 6.72 -1.06 -7.86
CA ILE A 142 7.85 -0.73 -6.99
C ILE A 142 7.63 -1.33 -5.60
N GLY A 143 6.39 -1.30 -5.13
CA GLY A 143 6.12 -1.91 -3.85
C GLY A 143 6.00 -3.42 -3.83
N TYR A 144 6.26 -4.10 -4.96
CA TYR A 144 6.16 -5.57 -4.98
C TYR A 144 6.83 -6.20 -3.76
N PRO A 145 8.11 -5.93 -3.45
CA PRO A 145 8.72 -6.61 -2.30
C PRO A 145 8.22 -6.15 -0.96
N VAL A 146 7.63 -4.96 -0.87
CA VAL A 146 6.98 -4.52 0.38
C VAL A 146 5.73 -5.35 0.65
N LEU A 147 4.90 -5.52 -0.38
CA LEU A 147 3.72 -6.36 -0.23
C LEU A 147 4.10 -7.81 0.07
N GLN A 148 5.15 -8.32 -0.61
CA GLN A 148 5.61 -9.67 -0.30
C GLN A 148 6.11 -9.78 1.13
N SER A 149 6.78 -8.73 1.62
CA SER A 149 7.20 -8.69 3.01
C SER A 149 5.99 -8.72 3.94
N ALA A 150 4.93 -8.00 3.59
CA ALA A 150 3.72 -8.08 4.38
C ALA A 150 3.15 -9.50 4.40
N ASP A 151 3.15 -10.19 3.24
CA ASP A 151 2.70 -11.58 3.22
C ASP A 151 3.47 -12.43 4.23
N ILE A 152 4.79 -12.34 4.17
CA ILE A 152 5.67 -13.20 4.97
C ILE A 152 5.52 -12.89 6.44
N LEU A 153 5.55 -11.60 6.80
CA LEU A 153 5.57 -11.23 8.20
C LEU A 153 4.19 -11.25 8.82
N LEU A 154 3.13 -11.07 8.03
CA LEU A 154 1.79 -11.23 8.61
C LEU A 154 1.59 -12.65 9.13
N ALA A 155 2.20 -13.65 8.49
CA ALA A 155 2.19 -15.02 8.96
C ALA A 155 3.24 -15.29 10.04
N LYS A 156 4.09 -14.33 10.33
CA LYS A 156 5.26 -14.52 11.20
C LYS A 156 6.06 -15.75 10.78
N ALA A 157 6.33 -15.83 9.49
CA ALA A 157 7.06 -16.98 8.95
C ALA A 157 8.54 -16.97 9.35
N HIS A 158 9.08 -18.15 9.63
CA HIS A 158 10.48 -18.34 9.96
C HIS A 158 11.34 -18.70 8.77
N LEU A 159 10.75 -19.34 7.76
CA LEU A 159 11.49 -19.90 6.65
CA LEU A 159 11.49 -19.90 6.65
C LEU A 159 10.74 -19.60 5.36
N VAL A 160 11.47 -19.10 4.36
CA VAL A 160 10.80 -18.68 3.12
C VAL A 160 11.55 -19.26 1.93
N PRO A 161 11.06 -20.35 1.34
CA PRO A 161 11.62 -20.80 0.05
C PRO A 161 11.25 -19.82 -1.04
N VAL A 162 12.24 -19.41 -1.82
CA VAL A 162 12.02 -18.50 -2.93
C VAL A 162 13.03 -18.82 -4.02
N GLY A 163 12.67 -18.45 -5.25
CA GLY A 163 13.60 -18.56 -6.35
C GLY A 163 14.63 -17.45 -6.33
N LYS A 164 15.66 -17.61 -7.16
CA LYS A 164 16.81 -16.71 -7.13
C LYS A 164 16.39 -15.26 -7.30
N ASP A 165 15.47 -15.00 -8.23
CA ASP A 165 15.04 -13.62 -8.50
C ASP A 165 14.22 -13.04 -7.35
N ASN A 166 13.87 -13.84 -6.35
CA ASN A 166 13.08 -13.37 -5.24
C ASN A 166 13.85 -13.31 -3.94
N GLU A 167 15.08 -13.81 -3.90
CA GLU A 167 15.82 -13.78 -2.66
C GLU A 167 15.99 -12.37 -2.15
N ALA A 168 16.30 -11.43 -3.05
CA ALA A 168 16.53 -10.05 -2.59
C ALA A 168 15.25 -9.43 -2.05
N HIS A 169 14.09 -9.90 -2.51
CA HIS A 169 12.84 -9.43 -1.92
C HIS A 169 12.76 -9.83 -0.46
N VAL A 170 13.17 -11.06 -0.14
CA VAL A 170 13.08 -11.52 1.24
C VAL A 170 14.19 -10.91 2.09
N GLU A 171 15.33 -10.54 1.47
CA GLU A 171 16.31 -9.75 2.22
C GLU A 171 15.71 -8.42 2.65
N LEU A 172 14.88 -7.81 1.80
CA LEU A 172 14.15 -6.63 2.22
C LEU A 172 13.21 -6.96 3.37
N THR A 173 12.54 -8.13 3.30
CA THR A 173 11.64 -8.54 4.37
C THR A 173 12.38 -8.61 5.70
N ARG A 174 13.58 -9.19 5.70
CA ARG A 174 14.35 -9.26 6.94
C ARG A 174 14.67 -7.87 7.47
N ASP A 175 15.01 -6.94 6.57
CA ASP A 175 15.30 -5.57 7.00
C ASP A 175 14.06 -4.87 7.54
N ILE A 176 12.90 -5.14 6.95
CA ILE A 176 11.66 -4.55 7.45
C ILE A 176 11.33 -5.09 8.84
N ALA A 177 11.50 -6.40 9.03
CA ALA A 177 11.30 -6.98 10.36
C ALA A 177 12.23 -6.33 11.38
N LYS A 178 13.50 -6.14 11.01
CA LYS A 178 14.45 -5.53 11.94
C LYS A 178 14.06 -4.10 12.26
N THR A 179 13.65 -3.35 11.25
CA THR A 179 13.24 -1.97 11.47
C THR A 179 12.03 -1.89 12.38
N PHE A 180 11.01 -2.72 12.10
CA PHE A 180 9.82 -2.72 12.93
C PHE A 180 10.15 -3.10 14.37
N ASN A 181 10.90 -4.20 14.54
CA ASN A 181 11.23 -4.63 15.90
C ASN A 181 12.05 -3.58 16.65
N ARG A 182 12.94 -2.88 15.95
CA ARG A 182 13.76 -1.85 16.60
C ARG A 182 12.90 -0.68 17.05
N LEU A 183 12.01 -0.22 16.18
CA LEU A 183 11.19 0.94 16.49
C LEU A 183 10.15 0.64 17.56
N TYR A 184 9.51 -0.51 17.47
CA TYR A 184 8.30 -0.76 18.25
C TYR A 184 8.39 -1.96 19.19
N GLY A 185 9.55 -2.62 19.27
CA GLY A 185 9.68 -3.80 20.10
C GLY A 185 9.49 -5.07 19.29
N GLU A 186 10.05 -6.17 19.81
CA GLU A 186 10.13 -7.39 19.00
C GLU A 186 8.75 -7.99 18.76
N VAL A 187 8.36 -8.06 17.48
CA VAL A 187 7.15 -8.74 17.05
C VAL A 187 7.45 -9.83 16.03
N PHE A 188 8.31 -9.54 15.06
CA PHE A 188 8.47 -10.43 13.91
C PHE A 188 9.74 -11.26 13.99
N PRO A 189 9.65 -12.56 13.70
CA PRO A 189 10.86 -13.31 13.37
C PRO A 189 11.55 -12.70 12.15
N GLU A 190 12.89 -12.76 12.15
CA GLU A 190 13.63 -12.44 10.94
C GLU A 190 13.63 -13.69 10.08
N PRO A 191 12.94 -13.71 8.94
CA PRO A 191 12.82 -14.95 8.17
C PRO A 191 14.14 -15.37 7.55
N ASP A 192 14.36 -16.68 7.50
CA ASP A 192 15.50 -17.25 6.81
C ASP A 192 15.07 -17.59 5.39
N ILE A 193 15.95 -17.34 4.44
CA ILE A 193 15.69 -17.69 3.04
C ILE A 193 16.12 -19.14 2.82
N LEU A 194 15.23 -19.93 2.21
CA LEU A 194 15.59 -21.25 1.70
C LEU A 194 15.86 -21.13 0.20
N GLN A 195 17.08 -21.43 -0.21
CA GLN A 195 17.51 -21.28 -1.59
C GLN A 195 17.20 -22.53 -2.39
N GLY A 196 16.91 -22.33 -3.68
CA GLY A 196 16.74 -23.42 -4.61
C GLY A 196 18.02 -23.68 -5.39
N GLU A 197 17.88 -24.53 -6.42
CA GLU A 197 19.00 -24.81 -7.29
C GLU A 197 19.37 -23.57 -8.10
N LEU A 198 20.61 -23.55 -8.59
CA LEU A 198 21.05 -22.43 -9.43
C LEU A 198 20.50 -22.56 -10.84
N THR A 199 20.25 -23.77 -11.30
CA THR A 199 19.86 -24.05 -12.68
C THR A 199 18.39 -24.45 -12.73
N ALA A 200 17.54 -23.54 -13.17
CA ALA A 200 16.17 -23.90 -13.50
C ALA A 200 16.17 -24.81 -14.72
N LEU A 201 15.16 -25.69 -14.79
CA LEU A 201 15.12 -26.68 -15.85
C LEU A 201 15.03 -26.02 -17.23
N VAL A 202 15.88 -26.46 -18.15
CA VAL A 202 15.87 -25.90 -19.50
C VAL A 202 14.59 -26.29 -20.23
N GLY A 203 14.10 -25.38 -21.07
CA GLY A 203 12.91 -25.65 -21.86
C GLY A 203 13.19 -26.56 -23.05
N THR A 204 12.10 -26.95 -23.72
CA THR A 204 12.15 -27.96 -24.77
C THR A 204 12.86 -27.47 -26.04
N ASN A 205 12.97 -26.17 -26.24
CA ASN A 205 13.73 -25.65 -27.37
C ASN A 205 15.18 -25.38 -27.01
N GLY A 206 15.62 -25.76 -25.81
CA GLY A 206 16.99 -25.54 -25.37
C GLY A 206 17.37 -24.10 -25.17
N GLN A 207 16.40 -23.17 -25.23
CA GLN A 207 16.66 -21.75 -25.15
C GLN A 207 16.08 -21.25 -23.84
N GLY A 208 16.92 -21.17 -22.82
CA GLY A 208 16.52 -20.63 -21.54
C GLY A 208 15.67 -21.60 -20.74
N LYS A 209 15.27 -21.12 -19.58
CA LYS A 209 14.46 -21.92 -18.67
C LYS A 209 13.09 -22.22 -19.29
N MET A 210 12.54 -23.35 -18.89
CA MET A 210 11.19 -23.71 -19.26
C MET A 210 10.20 -22.74 -18.63
N SER A 211 9.35 -22.12 -19.45
CA SER A 211 8.40 -21.13 -18.96
C SER A 211 7.20 -21.05 -19.89
N LYS A 212 6.07 -20.67 -19.31
CA LYS A 212 4.85 -20.50 -20.10
C LYS A 212 5.05 -19.49 -21.22
N SER A 213 5.68 -18.36 -20.92
CA SER A 213 5.81 -17.28 -21.89
C SER A 213 6.81 -17.58 -22.98
N ALA A 214 7.74 -18.52 -22.75
CA ALA A 214 8.65 -18.93 -23.82
C ALA A 214 8.06 -20.02 -24.71
N ASN A 215 6.93 -20.62 -24.31
CA ASN A 215 6.27 -21.68 -25.06
C ASN A 215 7.21 -22.86 -25.31
N ASN A 216 7.97 -23.23 -24.28
CA ASN A 216 8.90 -24.35 -24.33
C ASN A 216 8.69 -25.27 -23.14
N ALA A 217 7.45 -25.36 -22.65
CA ALA A 217 7.13 -26.06 -21.42
C ALA A 217 6.46 -27.38 -21.72
N ILE A 218 6.67 -28.35 -20.81
CA ILE A 218 5.84 -29.54 -20.70
C ILE A 218 5.04 -29.40 -19.41
N TYR A 219 3.73 -29.34 -19.53
CA TYR A 219 2.89 -29.11 -18.37
C TYR A 219 2.58 -30.42 -17.66
N LEU A 220 2.44 -30.35 -16.33
CA LEU A 220 2.07 -31.55 -15.58
C LEU A 220 0.76 -32.13 -16.08
N SER A 221 -0.11 -31.29 -16.64
CA SER A 221 -1.40 -31.71 -17.16
C SER A 221 -1.42 -31.96 -18.67
N ASP A 222 -0.28 -31.90 -19.36
CA ASP A 222 -0.27 -32.33 -20.75
C ASP A 222 -0.62 -33.81 -20.83
N ASP A 223 -1.42 -34.18 -21.84
CA ASP A 223 -1.76 -35.59 -22.01
C ASP A 223 -0.61 -36.35 -22.68
N ALA A 224 -0.79 -37.66 -22.85
CA ALA A 224 0.30 -38.53 -23.29
C ALA A 224 0.79 -38.16 -24.68
N LYS A 225 -0.15 -38.00 -25.63
CA LYS A 225 0.23 -37.63 -26.99
C LYS A 225 0.99 -36.31 -27.01
N THR A 226 0.57 -35.35 -26.19
CA THR A 226 1.24 -34.05 -26.16
C THR A 226 2.67 -34.16 -25.65
N VAL A 227 2.89 -34.94 -24.59
CA VAL A 227 4.24 -35.19 -24.10
C VAL A 227 5.08 -35.85 -25.19
N GLN A 228 4.50 -36.81 -25.91
CA GLN A 228 5.21 -37.46 -27.00
C GLN A 228 5.64 -36.46 -28.07
N GLU A 229 4.74 -35.55 -28.45
CA GLU A 229 5.06 -34.60 -29.51
C GLU A 229 6.11 -33.59 -29.06
N LYS A 230 5.99 -33.09 -27.83
CA LYS A 230 6.97 -32.12 -27.35
C LYS A 230 8.35 -32.75 -27.21
N ILE A 231 8.42 -34.01 -26.76
CA ILE A 231 9.70 -34.70 -26.67
C ILE A 231 10.25 -35.02 -28.05
N ARG A 232 9.38 -35.33 -29.01
CA ARG A 232 9.83 -35.63 -30.36
C ARG A 232 10.58 -34.45 -30.96
N LYS A 233 10.09 -33.23 -30.70
CA LYS A 233 10.69 -31.99 -31.19
C LYS A 233 11.73 -31.42 -30.23
N LEU A 234 12.06 -32.14 -29.16
CA LEU A 234 13.02 -31.67 -28.17
C LEU A 234 14.36 -31.30 -28.80
N TYR A 235 14.86 -30.13 -28.43
CA TYR A 235 16.19 -29.70 -28.84
C TYR A 235 17.24 -30.64 -28.25
N THR A 236 18.22 -31.03 -29.08
CA THR A 236 19.26 -31.95 -28.60
C THR A 236 20.65 -31.37 -28.78
N ASP A 237 21.41 -31.93 -29.72
CA ASP A 237 22.76 -31.48 -30.05
C ASP A 237 22.76 -31.01 -31.49
N PRO A 238 22.86 -29.71 -31.76
CA PRO A 238 22.81 -29.23 -33.15
C PRO A 238 24.00 -29.67 -33.99
N ASN A 239 25.11 -30.06 -33.38
CA ASN A 239 26.25 -30.55 -34.14
C ASN A 239 26.05 -31.98 -34.62
N ARG A 240 25.13 -32.73 -34.03
CA ARG A 240 24.86 -34.11 -34.42
C ARG A 240 23.99 -34.08 -35.67
N ILE A 241 24.65 -33.87 -36.82
CA ILE A 241 23.95 -33.65 -38.07
C ILE A 241 23.19 -34.91 -38.49
N HIS A 242 23.85 -36.06 -38.44
CA HIS A 242 23.29 -37.31 -38.91
C HIS A 242 23.09 -38.28 -37.74
N ALA A 243 22.30 -39.33 -38.01
CA ALA A 243 22.00 -40.33 -36.99
C ALA A 243 23.23 -41.10 -36.56
N THR A 244 24.30 -41.05 -37.35
CA THR A 244 25.55 -41.74 -37.05
C THR A 244 26.61 -40.81 -36.50
N THR A 245 26.29 -39.52 -36.32
CA THR A 245 27.28 -38.54 -35.90
C THR A 245 27.50 -38.61 -34.39
N PRO A 246 28.74 -38.67 -33.92
CA PRO A 246 28.99 -38.56 -32.47
C PRO A 246 28.39 -37.27 -31.91
N GLY A 247 27.67 -37.39 -30.80
CA GLY A 247 26.95 -36.28 -30.21
C GLY A 247 27.49 -35.90 -28.83
N ARG A 248 27.08 -34.71 -28.39
CA ARG A 248 27.43 -34.20 -27.07
C ARG A 248 26.26 -34.42 -26.11
N VAL A 249 26.58 -34.99 -24.95
CA VAL A 249 25.62 -35.15 -23.86
C VAL A 249 25.59 -33.92 -22.98
N GLU A 250 26.75 -33.33 -22.73
CA GLU A 250 26.84 -32.10 -21.94
C GLU A 250 26.03 -30.99 -22.60
N GLY A 251 25.23 -30.31 -21.79
CA GLY A 251 24.34 -29.26 -22.26
C GLY A 251 23.11 -29.72 -23.02
N ASN A 252 22.92 -31.03 -23.18
CA ASN A 252 21.91 -31.57 -24.08
C ASN A 252 20.60 -31.79 -23.34
N PRO A 253 19.54 -31.05 -23.66
CA PRO A 253 18.25 -31.24 -22.95
C PRO A 253 17.76 -32.67 -22.96
N LEU A 254 18.02 -33.41 -24.03
CA LEU A 254 17.60 -34.81 -24.09
C LEU A 254 18.13 -35.60 -22.90
N PHE A 255 19.37 -35.35 -22.50
CA PHE A 255 19.93 -36.10 -21.39
C PHE A 255 19.78 -35.38 -20.05
N ILE A 256 19.61 -34.06 -20.07
CA ILE A 256 19.17 -33.38 -18.86
C ILE A 256 17.83 -33.96 -18.40
N TYR A 257 16.92 -34.20 -19.34
CA TYR A 257 15.60 -34.72 -18.98
C TYR A 257 15.67 -36.19 -18.58
N HIS A 258 16.47 -36.99 -19.30
CA HIS A 258 16.58 -38.39 -18.93
C HIS A 258 17.08 -38.53 -17.49
N ASP A 259 18.10 -37.75 -17.12
CA ASP A 259 18.65 -37.87 -15.78
C ASP A 259 17.60 -37.55 -14.71
N LEU A 260 16.71 -36.60 -14.99
CA LEU A 260 15.73 -36.17 -14.01
C LEU A 260 14.51 -37.08 -13.93
N PHE A 261 14.09 -37.66 -15.05
CA PHE A 261 12.80 -38.34 -15.09
C PHE A 261 12.87 -39.83 -15.45
N ASN A 262 14.02 -40.34 -15.91
CA ASN A 262 14.13 -41.75 -16.23
C ASN A 262 14.77 -42.46 -15.05
N PRO A 263 14.02 -43.29 -14.30
CA PRO A 263 14.60 -43.97 -13.13
C PRO A 263 15.60 -45.07 -13.48
N HIS A 264 15.70 -45.45 -14.74
CA HIS A 264 16.51 -46.60 -15.14
C HIS A 264 17.92 -46.10 -15.45
N LYS A 265 18.74 -46.08 -14.40
CA LYS A 265 20.03 -45.40 -14.46
C LYS A 265 20.98 -46.06 -15.45
N GLU A 266 21.04 -47.39 -15.46
CA GLU A 266 21.97 -48.07 -16.36
C GLU A 266 21.59 -47.88 -17.83
N GLU A 267 20.29 -47.77 -18.12
CA GLU A 267 19.88 -47.43 -19.47
C GLU A 267 20.36 -46.06 -19.87
N VAL A 268 20.22 -45.07 -18.97
CA VAL A 268 20.63 -43.71 -19.29
C VAL A 268 22.13 -43.65 -19.56
N GLU A 269 22.92 -44.34 -18.74
CA GLU A 269 24.37 -44.35 -18.97
C GLU A 269 24.72 -45.01 -20.29
N GLU A 270 23.97 -46.04 -20.69
CA GLU A 270 24.23 -46.67 -21.98
C GLU A 270 23.86 -45.73 -23.12
N PHE A 271 22.71 -45.06 -23.00
CA PHE A 271 22.31 -44.07 -23.99
C PHE A 271 23.37 -42.99 -24.14
N LYS A 272 23.88 -42.47 -23.02
CA LYS A 272 24.91 -41.44 -23.07
C LYS A 272 26.13 -41.93 -23.84
N THR A 273 26.61 -43.13 -23.52
CA THR A 273 27.79 -43.65 -24.21
C THR A 273 27.53 -43.84 -25.69
N ARG A 274 26.40 -44.48 -26.04
CA ARG A 274 26.10 -44.69 -27.45
C ARG A 274 25.91 -43.36 -28.18
N TYR A 275 25.35 -42.37 -27.49
CA TYR A 275 25.16 -41.05 -28.09
C TYR A 275 26.50 -40.39 -28.41
N ARG A 276 27.46 -40.46 -27.47
CA ARG A 276 28.78 -39.89 -27.73
C ARG A 276 29.51 -40.64 -28.83
N GLN A 277 29.26 -41.94 -28.96
CA GLN A 277 29.86 -42.74 -30.02
C GLN A 277 29.08 -42.65 -31.32
N GLY A 278 27.86 -42.15 -31.27
CA GLY A 278 27.02 -41.92 -32.42
C GLY A 278 26.21 -43.11 -32.88
N CYS A 279 26.22 -44.22 -32.15
CA CYS A 279 25.57 -45.46 -32.60
C CYS A 279 24.21 -45.64 -31.93
N ILE A 280 23.38 -44.60 -32.00
CA ILE A 280 22.01 -44.68 -31.51
C ILE A 280 21.20 -43.62 -32.24
N ARG A 281 19.95 -43.96 -32.56
CA ARG A 281 19.05 -43.00 -33.18
C ARG A 281 18.39 -42.15 -32.10
N ASP A 282 18.18 -40.86 -32.40
CA ASP A 282 17.51 -39.99 -31.44
C ASP A 282 16.12 -40.48 -31.12
N VAL A 283 15.45 -41.12 -32.09
CA VAL A 283 14.10 -41.59 -31.88
C VAL A 283 14.04 -42.62 -30.76
N GLU A 284 15.07 -43.47 -30.66
CA GLU A 284 15.11 -44.43 -29.57
C GLU A 284 15.19 -43.73 -28.23
N VAL A 285 16.15 -42.81 -28.09
CA VAL A 285 16.35 -42.11 -26.83
C VAL A 285 15.14 -41.23 -26.50
N LYS A 286 14.49 -40.68 -27.52
CA LYS A 286 13.36 -39.78 -27.27
C LYS A 286 12.08 -40.54 -26.92
N ALA A 287 11.82 -41.66 -27.62
CA ALA A 287 10.66 -42.48 -27.30
C ALA A 287 10.70 -42.96 -25.85
N ARG A 288 11.88 -43.37 -25.39
CA ARG A 288 12.02 -43.79 -24.00
C ARG A 288 11.87 -42.62 -23.04
N LEU A 289 12.39 -41.45 -23.41
CA LEU A 289 12.21 -40.30 -22.55
C LEU A 289 10.73 -39.95 -22.41
N ALA A 290 9.98 -39.98 -23.52
CA ALA A 290 8.55 -39.68 -23.45
C ALA A 290 7.83 -40.73 -22.61
N GLU A 291 8.17 -42.01 -22.78
CA GLU A 291 7.55 -43.06 -21.99
CA GLU A 291 7.55 -43.06 -21.99
C GLU A 291 7.75 -42.83 -20.51
N GLU A 292 8.97 -42.45 -20.10
CA GLU A 292 9.22 -42.27 -18.68
C GLU A 292 8.59 -40.99 -18.14
N ILE A 293 8.53 -39.91 -18.92
CA ILE A 293 7.84 -38.72 -18.42
C ILE A 293 6.34 -39.00 -18.26
N ASN A 294 5.76 -39.74 -19.21
CA ASN A 294 4.35 -40.09 -19.09
C ASN A 294 4.09 -40.97 -17.87
N LEU A 295 4.96 -41.95 -17.63
CA LEU A 295 4.81 -42.75 -16.42
C LEU A 295 4.98 -41.90 -15.17
N PHE A 296 5.87 -40.92 -15.21
CA PHE A 296 6.04 -40.00 -14.09
C PHE A 296 4.77 -39.16 -13.88
N LEU A 297 4.12 -38.77 -14.98
CA LEU A 297 2.99 -37.86 -14.88
C LEU A 297 1.67 -38.56 -14.61
N ASN A 298 1.54 -39.84 -14.94
CA ASN A 298 0.25 -40.53 -14.85
C ASN A 298 -0.43 -40.38 -13.50
N PRO A 299 0.23 -40.56 -12.35
CA PRO A 299 -0.48 -40.42 -11.08
C PRO A 299 -0.97 -39.01 -10.82
N PHE A 300 -0.22 -37.98 -11.25
CA PHE A 300 -0.72 -36.61 -11.16
C PHE A 300 -2.00 -36.46 -11.97
N ARG A 301 -1.98 -36.94 -13.22
CA ARG A 301 -3.14 -36.83 -14.10
C ARG A 301 -4.35 -37.49 -13.50
N GLU A 302 -4.17 -38.69 -12.93
CA GLU A 302 -5.29 -39.38 -12.31
C GLU A 302 -5.87 -38.57 -11.16
N LYS A 303 -5.01 -38.03 -10.29
CA LYS A 303 -5.56 -37.24 -9.18
C LYS A 303 -6.18 -35.95 -9.69
N ARG A 304 -5.55 -35.30 -10.65
CA ARG A 304 -6.12 -34.06 -11.17
CA ARG A 304 -6.12 -34.07 -11.19
C ARG A 304 -7.49 -34.32 -11.80
N SER A 305 -7.63 -35.44 -12.50
CA SER A 305 -8.93 -35.80 -13.08
C SER A 305 -10.00 -35.90 -11.98
N GLU A 306 -9.65 -36.51 -10.85
CA GLU A 306 -10.59 -36.59 -9.73
C GLU A 306 -10.96 -35.20 -9.20
N LEU A 307 -9.98 -34.30 -9.14
CA LEU A 307 -10.24 -32.97 -8.60
C LEU A 307 -11.09 -32.15 -9.55
N VAL A 308 -10.86 -32.28 -10.85
CA VAL A 308 -11.66 -31.56 -11.83
C VAL A 308 -13.09 -32.07 -11.82
N ALA A 309 -13.26 -33.37 -11.61
CA ALA A 309 -14.61 -33.94 -11.57
C ALA A 309 -15.38 -33.52 -10.34
N GLN A 310 -14.70 -33.27 -9.22
CA GLN A 310 -15.36 -32.87 -7.97
C GLN A 310 -14.68 -31.62 -7.43
N PRO A 311 -14.96 -30.46 -8.05
CA PRO A 311 -14.26 -29.23 -7.67
C PRO A 311 -14.52 -28.77 -6.23
N LYS A 312 -15.47 -29.39 -5.51
CA LYS A 312 -15.59 -29.07 -4.09
C LYS A 312 -14.28 -29.28 -3.34
N PHE A 313 -13.42 -30.21 -3.80
CA PHE A 313 -12.13 -30.40 -3.15
C PHE A 313 -11.23 -29.18 -3.32
N LEU A 314 -11.29 -28.53 -4.49
CA LEU A 314 -10.52 -27.32 -4.71
C LEU A 314 -11.02 -26.19 -3.83
N GLU A 315 -12.34 -26.04 -3.78
CA GLU A 315 -12.97 -24.99 -2.98
C GLU A 315 -12.70 -25.19 -1.49
N GLU A 316 -12.88 -26.42 -1.00
CA GLU A 316 -12.59 -26.70 0.40
C GLU A 316 -11.12 -26.43 0.73
N ALA A 317 -10.21 -26.80 -0.17
CA ALA A 317 -8.78 -26.54 0.06
C ALA A 317 -8.54 -25.06 0.32
N LEU A 318 -9.08 -24.20 -0.54
CA LEU A 318 -8.83 -22.77 -0.39
C LEU A 318 -9.62 -22.18 0.79
N GLN A 319 -10.83 -22.70 1.06
CA GLN A 319 -11.59 -22.23 2.21
C GLN A 319 -10.86 -22.54 3.52
N GLN A 320 -10.42 -23.80 3.67
CA GLN A 320 -9.72 -24.22 4.89
C GLN A 320 -8.46 -23.38 5.12
N GLY A 321 -7.64 -23.25 4.09
CA GLY A 321 -6.38 -22.54 4.22
C GLY A 321 -6.57 -21.06 4.46
N THR A 322 -7.53 -20.45 3.75
CA THR A 322 -7.79 -19.03 3.97
C THR A 322 -8.28 -18.77 5.38
N GLU A 323 -9.14 -19.65 5.91
CA GLU A 323 -9.59 -19.49 7.29
C GLU A 323 -8.43 -19.61 8.27
N LYS A 324 -7.50 -20.54 8.02
CA LYS A 324 -6.33 -20.66 8.90
C LYS A 324 -5.45 -19.41 8.82
N MET A 325 -5.17 -18.93 7.61
CA MET A 325 -4.39 -17.70 7.48
C MET A 325 -5.13 -16.49 8.05
N ARG A 326 -6.45 -16.43 7.90
CA ARG A 326 -7.17 -15.29 8.48
C ARG A 326 -7.03 -15.27 10.00
N THR A 327 -7.08 -16.44 10.63
CA THR A 327 -6.87 -16.53 12.08
C THR A 327 -5.50 -15.99 12.47
N VAL A 328 -4.45 -16.48 11.79
CA VAL A 328 -3.09 -16.04 12.06
C VAL A 328 -2.97 -14.54 11.86
N ALA A 329 -3.56 -14.02 10.78
CA ALA A 329 -3.41 -12.60 10.47
C ALA A 329 -4.04 -11.72 11.53
N ARG A 330 -5.20 -12.12 12.07
CA ARG A 330 -5.80 -11.33 13.14
C ARG A 330 -4.90 -11.31 14.37
N GLU A 331 -4.29 -12.45 14.71
CA GLU A 331 -3.43 -12.49 15.88
C GLU A 331 -2.18 -11.64 15.66
N THR A 332 -1.57 -11.74 14.47
CA THR A 332 -0.40 -10.92 14.18
C THR A 332 -0.74 -9.45 14.25
N MET A 333 -1.87 -9.03 13.66
CA MET A 333 -2.18 -7.60 13.64
CA MET A 333 -2.18 -7.61 13.63
C MET A 333 -2.53 -7.08 15.03
N GLU A 334 -3.06 -7.93 15.90
CA GLU A 334 -3.29 -7.48 17.27
C GLU A 334 -1.95 -7.12 17.91
N GLU A 335 -0.92 -7.93 17.66
CA GLU A 335 0.41 -7.65 18.17
C GLU A 335 0.98 -6.39 17.54
N VAL A 336 0.82 -6.24 16.22
CA VAL A 336 1.32 -5.03 15.54
C VAL A 336 0.68 -3.79 16.14
N HIS A 337 -0.64 -3.82 16.33
CA HIS A 337 -1.30 -2.65 16.88
C HIS A 337 -0.83 -2.38 18.31
N ASP A 338 -0.60 -3.44 19.08
CA ASP A 338 -0.12 -3.26 20.45
C ASP A 338 1.24 -2.61 20.49
N HIS A 339 2.09 -2.85 19.48
CA HIS A 339 3.45 -2.34 19.50
C HIS A 339 3.61 -1.03 18.76
N LEU A 340 2.99 -0.89 17.58
CA LEU A 340 3.00 0.39 16.87
C LEU A 340 2.10 1.40 17.56
N GLY A 341 0.84 1.03 17.79
CA GLY A 341 -0.04 1.84 18.61
C GLY A 341 -0.46 3.17 18.02
N LEU A 342 -0.53 3.28 16.69
CA LEU A 342 -1.01 4.52 16.08
C LEU A 342 -2.47 4.72 16.43
N SER A 343 -2.78 5.81 17.13
CA SER A 343 -4.16 6.17 17.48
C SER A 343 -4.85 5.05 18.22
N ARG A 344 -4.08 4.36 19.06
CA ARG A 344 -4.59 3.14 19.70
CA ARG A 344 -4.59 3.15 19.71
CA ARG A 344 -4.59 3.15 19.71
C ARG A 344 -5.83 3.44 20.54
N LYS A 345 -5.81 4.53 21.32
CA LYS A 345 -6.94 4.85 22.18
C LYS A 345 -8.18 5.20 21.36
N TRP A 346 -8.02 6.00 20.32
CA TRP A 346 -9.20 6.39 19.55
C TRP A 346 -9.75 5.23 18.74
N ARG A 347 -8.88 4.34 18.23
CA ARG A 347 -9.41 3.21 17.47
CA ARG A 347 -9.42 3.22 17.47
C ARG A 347 -10.17 2.25 18.37
N THR A 348 -9.79 2.16 19.64
CA THR A 348 -10.59 1.42 20.60
C THR A 348 -11.95 2.09 20.80
N ILE A 349 -11.93 3.41 21.01
CA ILE A 349 -13.16 4.17 21.18
C ILE A 349 -14.09 3.98 19.98
N LEU A 350 -13.53 3.90 18.78
CA LEU A 350 -14.33 3.81 17.57
C LEU A 350 -14.70 2.39 17.18
N ALA A 351 -14.27 1.39 17.94
CA ALA A 351 -14.49 -0.01 17.55
C ALA A 351 -15.97 -0.39 17.55
N HIS B 7 -29.72 9.12 -11.88
CA HIS B 7 -30.01 10.35 -11.16
C HIS B 7 -29.21 10.46 -9.86
N HIS B 8 -28.95 11.69 -9.41
CA HIS B 8 -28.07 11.91 -8.27
C HIS B 8 -28.28 13.33 -7.74
N MET B 9 -27.89 13.53 -6.48
CA MET B 9 -27.99 14.83 -5.85
C MET B 9 -27.01 15.83 -6.47
N LYS B 10 -27.47 17.06 -6.68
CA LYS B 10 -26.55 18.12 -7.09
C LYS B 10 -25.64 18.53 -5.95
N LYS B 11 -26.04 18.29 -4.70
CA LYS B 11 -25.16 18.56 -3.57
C LYS B 11 -23.81 17.88 -3.77
N LYS B 12 -22.75 18.66 -3.62
CA LYS B 12 -21.40 18.20 -3.92
C LYS B 12 -20.70 17.82 -2.63
N ARG B 13 -20.14 16.62 -2.60
CA ARG B 13 -19.41 16.18 -1.42
C ARG B 13 -18.03 16.84 -1.41
N VAL B 14 -17.67 17.40 -0.26
CA VAL B 14 -16.39 18.07 -0.06
C VAL B 14 -15.59 17.22 0.92
N LEU B 15 -14.34 16.97 0.60
CA LEU B 15 -13.45 16.31 1.55
CA LEU B 15 -13.44 16.29 1.53
C LEU B 15 -12.24 17.18 1.78
N THR B 16 -11.94 17.45 3.04
CA THR B 16 -10.73 18.16 3.42
C THR B 16 -10.43 17.82 4.87
N GLY B 17 -9.24 18.18 5.32
CA GLY B 17 -8.90 17.92 6.70
C GLY B 17 -7.42 18.12 6.93
N ASP B 18 -6.92 17.49 8.00
CA ASP B 18 -5.57 17.76 8.47
C ASP B 18 -4.96 16.52 9.05
N ARG B 19 -3.65 16.40 8.91
CA ARG B 19 -2.88 15.52 9.78
C ARG B 19 -3.00 16.02 11.22
N PRO B 20 -3.22 15.14 12.19
CA PRO B 20 -3.27 15.60 13.59
C PRO B 20 -1.85 15.87 14.10
N THR B 21 -1.57 17.15 14.38
CA THR B 21 -0.25 17.53 14.87
C THR B 21 -0.27 18.20 16.24
N GLY B 22 -1.44 18.56 16.74
CA GLY B 22 -1.53 19.21 18.03
C GLY B 22 -2.58 20.29 17.97
N LYS B 23 -2.48 21.22 18.91
CA LYS B 23 -3.45 22.30 19.02
C LYS B 23 -3.39 23.23 17.82
N LEU B 24 -4.54 23.80 17.47
CA LEU B 24 -4.66 24.66 16.31
C LEU B 24 -4.37 26.11 16.69
N HIS B 25 -3.93 26.90 15.71
CA HIS B 25 -3.56 28.29 15.96
C HIS B 25 -4.26 29.20 14.95
N LEU B 26 -3.95 30.51 15.03
CA LEU B 26 -4.65 31.48 14.19
C LEU B 26 -4.39 31.24 12.71
N GLY B 27 -3.27 30.60 12.38
CA GLY B 27 -2.99 30.27 11.00
C GLY B 27 -3.93 29.20 10.45
N HIS B 28 -4.30 28.22 11.28
CA HIS B 28 -5.29 27.24 10.86
C HIS B 28 -6.64 27.91 10.66
N TRP B 29 -6.97 28.87 11.51
CA TRP B 29 -8.22 29.59 11.38
C TRP B 29 -8.29 30.32 10.04
N ILE B 30 -7.31 31.19 9.79
CA ILE B 30 -7.28 31.99 8.58
C ILE B 30 -7.09 31.10 7.36
N GLY B 31 -6.34 30.00 7.51
CA GLY B 31 -5.95 29.20 6.36
C GLY B 31 -6.99 28.22 5.89
N SER B 32 -7.81 27.68 6.80
CA SER B 32 -8.73 26.62 6.40
C SER B 32 -10.03 26.63 7.19
N ILE B 33 -9.97 26.80 8.51
CA ILE B 33 -11.14 26.51 9.32
C ILE B 33 -12.26 27.51 9.04
N MET B 34 -11.93 28.79 8.91
CA MET B 34 -12.94 29.80 8.60
C MET B 34 -13.70 29.44 7.33
N ASN B 35 -12.98 29.01 6.29
CA ASN B 35 -13.65 28.60 5.06
C ASN B 35 -14.43 27.31 5.25
N ARG B 36 -13.94 26.39 6.07
CA ARG B 36 -14.66 25.14 6.30
C ARG B 36 -15.99 25.37 7.01
N LEU B 37 -16.04 26.35 7.92
CA LEU B 37 -17.29 26.67 8.58
C LEU B 37 -18.29 27.20 7.57
N GLN B 38 -17.82 27.98 6.60
CA GLN B 38 -18.70 28.49 5.57
C GLN B 38 -19.21 27.36 4.68
N LEU B 39 -18.33 26.44 4.28
CA LEU B 39 -18.78 25.30 3.49
C LEU B 39 -19.80 24.46 4.27
N GLN B 40 -19.54 24.25 5.56
CA GLN B 40 -20.39 23.38 6.36
C GLN B 40 -21.81 23.94 6.49
N ASN B 41 -21.94 25.25 6.51
CA ASN B 41 -23.26 25.84 6.66
C ASN B 41 -23.87 26.23 5.32
N ASP B 42 -23.28 25.76 4.22
CA ASP B 42 -23.83 25.91 2.87
C ASP B 42 -24.40 24.56 2.43
N SER B 43 -25.72 24.53 2.18
CA SER B 43 -26.35 23.27 1.80
C SER B 43 -26.06 22.87 0.37
N ARG B 44 -25.24 23.63 -0.36
CA ARG B 44 -24.79 23.11 -1.64
C ARG B 44 -23.74 22.03 -1.46
N TYR B 45 -23.17 21.90 -0.27
CA TYR B 45 -22.07 21.00 0.00
C TYR B 45 -22.44 19.99 1.07
N ASP B 46 -21.73 18.87 1.04
CA ASP B 46 -21.86 17.77 1.99
C ASP B 46 -20.44 17.51 2.48
N CYS B 47 -20.11 17.99 3.69
CA CYS B 47 -18.71 18.06 4.14
C CYS B 47 -18.26 16.83 4.90
N PHE B 48 -17.10 16.29 4.50
CA PHE B 48 -16.38 15.24 5.21
C PHE B 48 -15.06 15.83 5.67
N PHE B 49 -14.75 15.70 6.97
CA PHE B 49 -13.51 16.25 7.52
C PHE B 49 -12.64 15.10 8.01
N ILE B 50 -11.51 14.86 7.31
CA ILE B 50 -10.60 13.76 7.65
C ILE B 50 -9.59 14.21 8.70
N ILE B 51 -9.43 13.40 9.75
CA ILE B 51 -8.27 13.50 10.63
C ILE B 51 -7.30 12.44 10.10
N ALA B 52 -6.24 12.90 9.44
CA ALA B 52 -5.44 12.05 8.55
C ALA B 52 -4.25 11.45 9.31
N ASP B 53 -4.57 10.52 10.22
CA ASP B 53 -3.51 10.02 11.09
C ASP B 53 -2.55 9.08 10.36
N LEU B 54 -3.01 8.37 9.32
CA LEU B 54 -2.05 7.52 8.60
C LEU B 54 -0.98 8.36 7.94
N HIS B 55 -1.33 9.55 7.49
CA HIS B 55 -0.35 10.38 6.80
C HIS B 55 0.77 10.83 7.71
N THR B 56 0.57 10.80 9.03
CA THR B 56 1.66 11.19 9.93
C THR B 56 2.83 10.21 9.84
N LEU B 57 2.58 8.96 9.43
CA LEU B 57 3.67 8.00 9.34
C LEU B 57 4.60 8.28 8.16
N THR B 58 4.24 9.17 7.23
CA THR B 58 5.13 9.45 6.12
C THR B 58 6.40 10.14 6.59
N THR B 59 6.36 10.81 7.76
CA THR B 59 7.52 11.51 8.28
C THR B 59 7.81 11.22 9.74
N LYS B 60 6.86 10.70 10.52
CA LYS B 60 7.08 10.46 11.95
C LYS B 60 6.81 8.99 12.27
N THR B 61 7.87 8.19 12.40
CA THR B 61 7.70 6.79 12.68
C THR B 61 8.30 6.34 14.01
N ARG B 62 9.04 7.20 14.72
CA ARG B 62 9.53 6.79 16.02
C ARG B 62 8.36 6.54 16.96
N LYS B 63 8.48 5.51 17.79
CA LYS B 63 7.38 5.21 18.70
C LYS B 63 7.05 6.41 19.59
N GLU B 64 8.07 7.16 20.01
CA GLU B 64 7.84 8.34 20.85
C GLU B 64 7.02 9.44 20.14
N GLU B 65 7.04 9.46 18.81
CA GLU B 65 6.20 10.35 18.02
C GLU B 65 4.83 9.74 17.79
N ILE B 66 4.79 8.44 17.46
CA ILE B 66 3.50 7.83 17.13
C ILE B 66 2.57 7.83 18.32
N LEU B 67 3.12 7.65 19.53
CA LEU B 67 2.25 7.56 20.71
C LEU B 67 1.58 8.89 21.03
N GLN B 68 2.03 9.99 20.44
CA GLN B 68 1.44 11.30 20.68
C GLN B 68 0.19 11.54 19.85
N ILE B 69 -0.05 10.71 18.85
CA ILE B 69 -1.11 10.99 17.89
C ILE B 69 -2.47 10.99 18.57
N ASP B 70 -2.69 10.07 19.51
CA ASP B 70 -3.94 10.05 20.26
C ASP B 70 -4.25 11.42 20.88
N ASN B 71 -3.24 12.06 21.49
CA ASN B 71 -3.44 13.39 22.05
C ASN B 71 -3.68 14.42 20.96
N HIS B 72 -2.97 14.31 19.84
CA HIS B 72 -3.14 15.26 18.76
C HIS B 72 -4.55 15.19 18.19
N ILE B 73 -5.09 13.97 18.08
CA ILE B 73 -6.47 13.81 17.62
C ILE B 73 -7.43 14.51 18.57
N TYR B 74 -7.24 14.30 19.88
CA TYR B 74 -8.06 14.97 20.88
C TYR B 74 -7.99 16.48 20.70
N ASP B 75 -6.79 17.02 20.53
CA ASP B 75 -6.63 18.47 20.39
C ASP B 75 -7.30 18.98 19.12
N VAL B 76 -7.11 18.29 17.99
CA VAL B 76 -7.75 18.75 16.75
C VAL B 76 -9.26 18.73 16.91
N LEU B 77 -9.79 17.63 17.45
CA LEU B 77 -11.23 17.52 17.65
C LEU B 77 -11.75 18.62 18.56
N ALA B 78 -11.08 18.82 19.70
CA ALA B 78 -11.54 19.83 20.63
C ALA B 78 -11.55 21.21 19.98
N ASP B 79 -10.52 21.53 19.20
CA ASP B 79 -10.47 22.87 18.61
C ASP B 79 -11.48 23.01 17.49
N TRP B 80 -11.61 21.99 16.62
CA TRP B 80 -12.60 22.04 15.54
C TRP B 80 -14.00 22.23 16.13
N LEU B 81 -14.36 21.42 17.11
CA LEU B 81 -15.69 21.54 17.69
C LEU B 81 -15.88 22.88 18.39
N SER B 82 -14.82 23.40 19.03
CA SER B 82 -14.97 24.65 19.78
C SER B 82 -15.26 25.84 18.89
N VAL B 83 -14.86 25.78 17.61
CA VAL B 83 -15.12 26.88 16.68
C VAL B 83 -16.38 26.65 15.87
N GLY B 84 -17.06 25.53 16.06
CA GLY B 84 -18.35 25.32 15.45
C GLY B 84 -18.40 24.32 14.32
N ILE B 85 -17.32 23.59 14.05
CA ILE B 85 -17.43 22.40 13.23
C ILE B 85 -18.42 21.48 13.91
N ASP B 86 -19.49 21.13 13.19
CA ASP B 86 -20.69 20.54 13.77
C ASP B 86 -20.87 19.12 13.24
N PRO B 87 -20.91 18.10 14.09
CA PRO B 87 -21.26 16.75 13.62
C PRO B 87 -22.69 16.64 13.12
N GLU B 88 -23.57 17.60 13.43
CA GLU B 88 -24.90 17.56 12.86
C GLU B 88 -24.93 18.01 11.40
N LYS B 89 -23.80 18.51 10.88
CA LYS B 89 -23.73 19.06 9.54
C LYS B 89 -22.56 18.51 8.75
N SER B 90 -21.61 17.87 9.40
CA SER B 90 -20.41 17.38 8.75
CA SER B 90 -20.44 17.35 8.71
C SER B 90 -20.06 16.02 9.32
N ALA B 91 -19.21 15.28 8.60
CA ALA B 91 -18.77 13.96 9.03
C ALA B 91 -17.27 14.07 9.35
N ILE B 92 -16.94 14.08 10.64
CA ILE B 92 -15.56 14.11 11.11
C ILE B 92 -15.14 12.66 11.36
N TYR B 93 -14.09 12.20 10.69
CA TYR B 93 -13.73 10.79 10.83
C TYR B 93 -12.23 10.62 10.96
N LEU B 94 -11.85 9.50 11.57
CA LEU B 94 -10.43 9.14 11.73
C LEU B 94 -10.03 8.21 10.61
N GLN B 95 -9.00 8.60 9.85
CA GLN B 95 -8.63 7.90 8.64
C GLN B 95 -8.28 6.43 8.90
N SER B 96 -7.46 6.18 9.92
CA SER B 96 -6.97 4.82 10.15
C SER B 96 -8.08 3.87 10.56
N ALA B 97 -9.24 4.41 10.96
CA ALA B 97 -10.37 3.62 11.41
C ALA B 97 -11.31 3.24 10.27
N ILE B 98 -10.97 3.56 9.03
CA ILE B 98 -11.76 3.19 7.87
C ILE B 98 -11.10 2.00 7.21
N PRO B 99 -11.56 0.76 7.43
CA PRO B 99 -10.78 -0.40 6.97
C PRO B 99 -10.51 -0.42 5.48
N GLU B 100 -11.43 0.12 4.68
CA GLU B 100 -11.25 0.07 3.25
C GLU B 100 -10.18 1.01 2.72
N ILE B 101 -9.71 1.99 3.51
CA ILE B 101 -8.73 2.93 2.98
C ILE B 101 -7.43 2.20 2.60
N TYR B 102 -7.05 1.18 3.37
CA TYR B 102 -5.81 0.46 3.07
C TYR B 102 -5.92 -0.30 1.76
N GLU B 103 -7.09 -0.85 1.49
CA GLU B 103 -7.28 -1.62 0.27
C GLU B 103 -7.35 -0.69 -0.94
N LEU B 104 -8.10 0.40 -0.84
CA LEU B 104 -8.15 1.28 -2.00
C LEU B 104 -6.79 1.92 -2.25
N ASN B 105 -6.03 2.20 -1.19
CA ASN B 105 -4.66 2.67 -1.37
C ASN B 105 -3.85 1.70 -2.22
N LEU B 106 -3.93 0.41 -1.93
CA LEU B 106 -3.15 -0.54 -2.70
C LEU B 106 -3.63 -0.59 -4.15
N ILE B 107 -4.95 -0.60 -4.36
CA ILE B 107 -5.44 -0.65 -5.73
C ILE B 107 -4.94 0.57 -6.52
N PHE B 108 -5.04 1.75 -5.94
CA PHE B 108 -4.59 2.97 -6.64
C PHE B 108 -3.08 2.97 -6.84
N SER B 109 -2.32 2.43 -5.90
CA SER B 109 -0.88 2.28 -6.06
CA SER B 109 -0.89 2.32 -6.09
C SER B 109 -0.56 1.51 -7.33
N MET B 110 -1.33 0.44 -7.60
CA MET B 110 -1.15 -0.37 -8.79
C MET B 110 -1.48 0.41 -10.05
N LEU B 111 -2.24 1.49 -9.93
CA LEU B 111 -2.70 2.22 -11.10
C LEU B 111 -1.93 3.50 -11.33
N THR B 112 -0.96 3.83 -10.47
CA THR B 112 -0.29 5.13 -10.53
C THR B 112 1.17 5.00 -10.96
N PRO B 113 1.53 5.47 -12.15
CA PRO B 113 2.95 5.48 -12.53
C PRO B 113 3.75 6.37 -11.61
N LEU B 114 4.98 5.93 -11.28
CA LEU B 114 5.80 6.73 -10.38
C LEU B 114 6.05 8.13 -10.93
N ASN B 115 6.19 8.27 -12.25
CA ASN B 115 6.49 9.60 -12.79
C ASN B 115 5.32 10.56 -12.63
N HIS B 116 4.09 10.05 -12.49
CA HIS B 116 2.97 10.92 -12.19
C HIS B 116 3.06 11.51 -10.79
N ILE B 117 3.61 10.74 -9.85
CA ILE B 117 3.80 11.25 -8.49
C ILE B 117 4.97 12.22 -8.45
N MET B 118 6.08 11.87 -9.08
CA MET B 118 7.26 12.72 -9.02
C MET B 118 7.07 14.04 -9.77
N GLY B 119 6.01 14.15 -10.58
CA GLY B 119 5.70 15.43 -11.19
C GLY B 119 5.10 16.45 -10.25
N ILE B 120 4.62 16.00 -9.09
CA ILE B 120 4.04 16.94 -8.12
C ILE B 120 5.15 17.79 -7.51
N PRO B 121 5.02 19.13 -7.54
CA PRO B 121 6.11 19.97 -7.02
C PRO B 121 6.49 19.67 -5.58
N SER B 122 5.52 19.46 -4.70
CA SER B 122 5.83 19.07 -3.31
C SER B 122 6.76 17.87 -3.28
N ILE B 123 6.44 16.84 -4.07
CA ILE B 123 7.22 15.60 -4.08
C ILE B 123 8.63 15.84 -4.59
N LYS B 124 8.75 16.52 -5.74
CA LYS B 124 10.07 16.78 -6.30
C LYS B 124 10.93 17.59 -5.32
N GLU B 125 10.30 18.49 -4.54
CA GLU B 125 11.04 19.25 -3.54
C GLU B 125 11.49 18.36 -2.38
N MET B 126 10.60 17.50 -1.89
CA MET B 126 11.00 16.54 -0.88
C MET B 126 12.15 15.66 -1.39
N ALA B 127 12.04 15.19 -2.63
CA ALA B 127 13.04 14.26 -3.15
C ALA B 127 14.40 14.93 -3.31
N ARG B 128 14.44 16.19 -3.76
CA ARG B 128 15.71 16.89 -3.86
C ARG B 128 16.31 17.17 -2.49
N ASN B 129 15.48 17.61 -1.54
CA ASN B 129 15.97 17.90 -0.19
C ASN B 129 16.49 16.63 0.50
N ALA B 130 15.81 15.51 0.30
CA ALA B 130 16.26 14.26 0.91
C ALA B 130 17.58 13.79 0.29
N SER B 131 17.72 13.97 -1.02
CA SER B 131 18.99 13.61 -1.66
C SER B 131 20.13 14.50 -1.19
N LEU B 132 19.84 15.76 -0.86
CA LEU B 132 20.86 16.63 -0.30
C LEU B 132 21.35 16.10 1.05
N ASN B 133 20.45 15.57 1.87
CA ASN B 133 20.79 14.98 3.15
C ASN B 133 21.34 13.57 3.03
N GLU B 134 21.62 13.09 1.82
CA GLU B 134 22.03 11.71 1.56
C GLU B 134 21.03 10.70 2.15
N GLU B 135 19.77 11.12 2.30
CA GLU B 135 18.71 10.28 2.82
C GLU B 135 17.81 9.78 1.68
N SER B 136 16.88 8.90 2.03
CA SER B 136 15.90 8.38 1.09
C SER B 136 14.52 8.54 1.68
N LEU B 137 13.59 9.05 0.87
CA LEU B 137 12.19 9.06 1.25
C LEU B 137 11.67 7.63 1.33
N SER B 138 10.69 7.40 2.20
CA SER B 138 10.07 6.09 2.24
C SER B 138 9.12 5.89 1.06
N HIS B 139 8.88 4.62 0.74
CA HIS B 139 7.86 4.26 -0.25
C HIS B 139 6.52 4.84 0.14
N GLY B 140 6.25 4.92 1.44
CA GLY B 140 4.98 5.44 1.89
C GLY B 140 4.89 6.95 1.74
N LEU B 141 6.00 7.65 1.97
CA LEU B 141 5.99 9.10 1.76
C LEU B 141 5.80 9.43 0.29
N ILE B 142 6.58 8.79 -0.59
CA ILE B 142 6.39 8.98 -2.03
C ILE B 142 4.96 8.65 -2.43
N GLY B 143 4.36 7.68 -1.75
CA GLY B 143 3.00 7.26 -2.00
C GLY B 143 1.92 8.11 -1.39
N TYR B 144 2.25 9.15 -0.61
CA TYR B 144 1.19 9.86 0.10
C TYR B 144 0.18 10.51 -0.85
N PRO B 145 0.54 10.99 -2.04
CA PRO B 145 -0.52 11.52 -2.92
C PRO B 145 -1.46 10.44 -3.42
N VAL B 146 -1.00 9.18 -3.49
CA VAL B 146 -1.89 8.07 -3.81
C VAL B 146 -2.85 7.81 -2.66
N LEU B 147 -2.33 7.81 -1.43
CA LEU B 147 -3.18 7.64 -0.26
C LEU B 147 -4.19 8.77 -0.14
N GLN B 148 -3.76 9.99 -0.43
CA GLN B 148 -4.69 11.12 -0.38
C GLN B 148 -5.77 10.96 -1.45
N SER B 149 -5.40 10.43 -2.62
CA SER B 149 -6.37 10.14 -3.66
C SER B 149 -7.36 9.09 -3.21
N ALA B 150 -6.86 8.07 -2.50
CA ALA B 150 -7.75 7.08 -1.89
C ALA B 150 -8.69 7.73 -0.87
N ASP B 151 -8.17 8.63 -0.02
CA ASP B 151 -9.07 9.36 0.89
C ASP B 151 -10.22 10.01 0.13
N ILE B 152 -9.89 10.77 -0.92
CA ILE B 152 -10.90 11.54 -1.64
C ILE B 152 -11.87 10.62 -2.36
N LEU B 153 -11.35 9.63 -3.07
CA LEU B 153 -12.21 8.84 -3.95
C LEU B 153 -12.98 7.77 -3.19
N LEU B 154 -12.46 7.27 -2.06
CA LEU B 154 -13.24 6.31 -1.28
C LEU B 154 -14.52 6.95 -0.79
N ALA B 155 -14.47 8.25 -0.53
CA ALA B 155 -15.64 9.02 -0.13
C ALA B 155 -16.50 9.46 -1.31
N LYS B 156 -16.07 9.20 -2.55
CA LYS B 156 -16.70 9.75 -3.75
C LYS B 156 -16.87 11.27 -3.63
N ALA B 157 -15.83 11.95 -3.15
CA ALA B 157 -15.89 13.40 -3.02
C ALA B 157 -15.75 14.07 -4.38
N HIS B 158 -16.48 15.17 -4.55
CA HIS B 158 -16.48 15.95 -5.78
C HIS B 158 -15.57 17.17 -5.73
N LEU B 159 -15.23 17.65 -4.53
CA LEU B 159 -14.54 18.92 -4.37
C LEU B 159 -13.55 18.80 -3.24
N VAL B 160 -12.37 19.41 -3.44
CA VAL B 160 -11.31 19.46 -2.45
C VAL B 160 -10.82 20.90 -2.41
N PRO B 161 -10.82 21.56 -1.25
CA PRO B 161 -10.40 22.96 -1.21
C PRO B 161 -8.93 23.15 -1.56
N VAL B 162 -8.64 24.29 -2.20
CA VAL B 162 -7.31 24.58 -2.71
C VAL B 162 -6.30 24.73 -1.57
N GLY B 163 -5.04 24.42 -1.87
CA GLY B 163 -3.99 24.47 -0.86
C GLY B 163 -2.60 24.33 -1.45
N ASN B 166 -0.83 21.87 -2.89
CA ASN B 166 -1.14 22.60 -4.11
C ASN B 166 -2.12 21.83 -4.99
N GLU B 167 -2.37 22.33 -6.21
CA GLU B 167 -3.41 21.82 -7.09
C GLU B 167 -3.00 20.55 -7.84
N ALA B 168 -1.70 20.26 -7.95
CA ALA B 168 -1.27 19.07 -8.68
C ALA B 168 -1.68 17.78 -7.96
N HIS B 169 -1.89 17.86 -6.65
CA HIS B 169 -2.35 16.70 -5.90
C HIS B 169 -3.73 16.23 -6.38
N VAL B 170 -4.66 17.17 -6.54
CA VAL B 170 -5.99 16.79 -6.99
C VAL B 170 -5.99 16.38 -8.46
N GLU B 171 -5.09 16.94 -9.26
CA GLU B 171 -5.00 16.50 -10.65
C GLU B 171 -4.58 15.03 -10.72
N LEU B 172 -3.68 14.60 -9.84
CA LEU B 172 -3.34 13.19 -9.78
C LEU B 172 -4.57 12.37 -9.38
N THR B 173 -5.32 12.84 -8.39
CA THR B 173 -6.54 12.15 -8.00
C THR B 173 -7.49 12.03 -9.17
N ARG B 174 -7.64 13.10 -9.96
CA ARG B 174 -8.50 13.02 -11.14
CA ARG B 174 -8.51 13.03 -11.13
C ARG B 174 -8.01 11.97 -12.11
N ASP B 175 -6.70 11.92 -12.31
CA ASP B 175 -6.14 10.98 -13.28
C ASP B 175 -6.32 9.54 -12.81
N ILE B 176 -6.25 9.31 -11.50
CA ILE B 176 -6.48 7.97 -10.97
C ILE B 176 -7.93 7.57 -11.17
N ALA B 177 -8.86 8.47 -10.85
CA ALA B 177 -10.27 8.20 -11.13
C ALA B 177 -10.48 7.87 -12.61
N LYS B 178 -9.88 8.67 -13.50
CA LYS B 178 -10.05 8.44 -14.93
C LYS B 178 -9.47 7.10 -15.34
N THR B 179 -8.33 6.73 -14.78
CA THR B 179 -7.72 5.45 -15.11
C THR B 179 -8.58 4.29 -14.64
N PHE B 180 -9.01 4.33 -13.38
CA PHE B 180 -9.91 3.28 -12.88
C PHE B 180 -11.16 3.19 -13.75
N ASN B 181 -11.82 4.33 -13.98
CA ASN B 181 -13.07 4.34 -14.72
C ASN B 181 -12.87 3.78 -16.13
N ARG B 182 -11.74 4.12 -16.76
CA ARG B 182 -11.50 3.64 -18.12
C ARG B 182 -11.29 2.14 -18.14
N LEU B 183 -10.48 1.63 -17.20
CA LEU B 183 -10.15 0.22 -17.19
C LEU B 183 -11.35 -0.65 -16.82
N TYR B 184 -12.16 -0.21 -15.86
CA TYR B 184 -13.09 -1.13 -15.21
C TYR B 184 -14.54 -0.67 -15.25
N GLY B 185 -14.83 0.49 -15.83
CA GLY B 185 -16.17 1.02 -15.78
C GLY B 185 -16.26 2.13 -14.77
N GLU B 186 -17.19 3.05 -15.02
CA GLU B 186 -17.27 4.28 -14.23
CA GLU B 186 -17.26 4.28 -14.22
C GLU B 186 -17.69 3.97 -12.80
N VAL B 187 -16.87 4.37 -11.84
CA VAL B 187 -17.19 4.22 -10.41
C VAL B 187 -16.99 5.57 -9.72
N PHE B 188 -15.92 6.29 -10.09
CA PHE B 188 -15.52 7.45 -9.32
C PHE B 188 -15.83 8.76 -10.02
N PRO B 189 -16.33 9.76 -9.30
CA PRO B 189 -16.36 11.11 -9.85
C PRO B 189 -14.95 11.65 -9.99
N GLU B 190 -14.79 12.57 -10.95
CA GLU B 190 -13.53 13.26 -11.14
C GLU B 190 -13.55 14.52 -10.28
N PRO B 191 -12.80 14.57 -9.17
CA PRO B 191 -12.93 15.72 -8.26
C PRO B 191 -12.34 16.98 -8.84
N ASP B 192 -12.85 18.11 -8.37
CA ASP B 192 -12.34 19.42 -8.76
C ASP B 192 -11.80 20.15 -7.53
N ILE B 193 -10.95 21.13 -7.80
CA ILE B 193 -10.45 22.01 -6.74
C ILE B 193 -11.48 23.10 -6.46
N LEU B 194 -11.70 23.38 -5.19
CA LEU B 194 -12.43 24.57 -4.77
C LEU B 194 -11.45 25.74 -4.73
N GLN B 195 -11.61 26.68 -5.66
CA GLN B 195 -10.69 27.80 -5.81
C GLN B 195 -10.76 28.75 -4.62
N ALA B 200 -2.34 33.17 3.81
CA ALA B 200 -1.54 32.58 4.87
C ALA B 200 -1.18 33.65 5.90
N LEU B 201 -1.00 33.23 7.15
CA LEU B 201 -0.82 34.16 8.27
C LEU B 201 0.64 34.14 8.73
N VAL B 202 1.27 35.31 8.72
CA VAL B 202 2.62 35.44 9.24
C VAL B 202 2.61 35.19 10.75
N GLY B 203 3.70 34.57 11.25
CA GLY B 203 3.84 34.31 12.66
C GLY B 203 4.20 35.55 13.46
N THR B 204 4.09 35.42 14.78
CA THR B 204 4.24 36.58 15.66
C THR B 204 5.64 37.19 15.61
N ASN B 205 6.64 36.44 15.18
CA ASN B 205 7.98 37.00 15.07
C ASN B 205 8.21 37.66 13.72
N GLY B 206 7.21 37.65 12.84
CA GLY B 206 7.35 38.24 11.52
C GLY B 206 8.16 37.42 10.54
N GLN B 207 8.47 36.17 10.85
CA GLN B 207 9.38 35.35 10.05
C GLN B 207 8.65 34.07 9.60
N GLY B 208 8.07 34.13 8.41
CA GLY B 208 7.44 32.96 7.83
C GLY B 208 6.04 32.70 8.37
N LYS B 209 5.46 31.62 7.87
CA LYS B 209 4.14 31.21 8.30
C LYS B 209 4.12 30.95 9.80
N MET B 210 2.97 31.23 10.41
CA MET B 210 2.76 30.82 11.79
C MET B 210 2.76 29.30 11.87
N SER B 211 3.51 28.75 12.81
CA SER B 211 3.51 27.30 12.95
C SER B 211 3.97 26.91 14.34
N LYS B 212 3.59 25.69 14.74
CA LYS B 212 3.99 25.18 16.04
C LYS B 212 5.52 25.01 16.11
N SER B 213 6.13 24.55 15.02
CA SER B 213 7.58 24.32 15.04
C SER B 213 8.36 25.61 14.98
N ALA B 214 7.82 26.66 14.34
CA ALA B 214 8.49 27.94 14.34
C ALA B 214 8.34 28.71 15.66
N ASN B 215 7.51 28.20 16.57
CA ASN B 215 7.34 28.82 17.89
C ASN B 215 6.92 30.28 17.77
N ASN B 216 6.06 30.57 16.81
CA ASN B 216 5.57 31.92 16.59
C ASN B 216 4.06 31.93 16.44
N ALA B 217 3.40 31.03 17.17
CA ALA B 217 1.96 30.83 17.02
C ALA B 217 1.18 31.48 18.16
N ILE B 218 -0.04 31.89 17.85
CA ILE B 218 -1.07 32.16 18.84
C ILE B 218 -2.13 31.07 18.69
N TYR B 219 -2.26 30.22 19.70
CA TYR B 219 -3.18 29.09 19.63
C TYR B 219 -4.60 29.53 19.95
N LEU B 220 -5.56 28.88 19.30
CA LEU B 220 -6.96 29.19 19.60
C LEU B 220 -7.26 28.97 21.07
N SER B 221 -6.54 28.06 21.72
CA SER B 221 -6.73 27.71 23.12
C SER B 221 -5.81 28.49 24.06
N ASP B 222 -5.04 29.46 23.54
CA ASP B 222 -4.24 30.28 24.43
C ASP B 222 -5.15 31.11 25.31
N ASP B 223 -4.81 31.23 26.59
CA ASP B 223 -5.67 32.04 27.45
C ASP B 223 -5.46 33.53 27.17
N ALA B 224 -6.29 34.37 27.80
CA ALA B 224 -6.24 35.79 27.46
C ALA B 224 -4.89 36.41 27.80
N LYS B 225 -4.30 36.05 28.93
CA LYS B 225 -3.02 36.67 29.27
C LYS B 225 -1.92 36.23 28.31
N THR B 226 -2.00 34.99 27.83
CA THR B 226 -1.00 34.51 26.90
C THR B 226 -1.14 35.20 25.55
N VAL B 227 -2.37 35.34 25.06
CA VAL B 227 -2.58 36.10 23.83
C VAL B 227 -2.04 37.51 23.99
N GLN B 228 -2.36 38.16 25.12
CA GLN B 228 -1.95 39.55 25.28
C GLN B 228 -0.43 39.68 25.28
N GLU B 229 0.27 38.77 25.96
CA GLU B 229 1.72 38.84 25.99
C GLU B 229 2.32 38.52 24.62
N LYS B 230 1.72 37.58 23.86
CA LYS B 230 2.23 37.32 22.53
C LYS B 230 2.03 38.53 21.62
N ILE B 231 0.94 39.27 21.79
CA ILE B 231 0.77 40.50 21.01
C ILE B 231 1.72 41.58 21.50
N ARG B 232 2.04 41.62 22.80
CA ARG B 232 3.01 42.61 23.27
C ARG B 232 4.34 42.45 22.55
N LYS B 233 4.77 41.21 22.35
CA LYS B 233 6.05 40.94 21.71
C LYS B 233 5.94 40.78 20.21
N LEU B 234 4.78 41.07 19.64
CA LEU B 234 4.57 40.92 18.20
C LEU B 234 5.58 41.77 17.43
N TYR B 235 6.23 41.15 16.46
CA TYR B 235 7.11 41.89 15.55
C TYR B 235 6.31 42.96 14.83
N THR B 236 6.85 44.19 14.78
CA THR B 236 6.16 45.27 14.11
C THR B 236 7.03 45.90 13.02
N ASP B 237 7.67 47.01 13.37
CA ASP B 237 8.57 47.72 12.47
C ASP B 237 9.85 48.05 13.25
N PRO B 238 10.97 47.39 12.93
CA PRO B 238 12.22 47.67 13.67
C PRO B 238 12.68 49.11 13.57
N ASN B 239 12.27 49.83 12.53
CA ASN B 239 12.71 51.21 12.38
C ASN B 239 12.00 52.14 13.36
N ARG B 240 10.79 51.77 13.78
CA ARG B 240 10.05 52.61 14.73
C ARG B 240 10.71 52.53 16.10
N ILE B 241 11.69 53.40 16.32
CA ILE B 241 12.42 53.39 17.59
C ILE B 241 11.48 53.75 18.74
N HIS B 242 10.83 54.90 18.63
CA HIS B 242 9.92 55.39 19.67
C HIS B 242 8.57 55.72 19.03
N ALA B 243 7.59 56.01 19.90
CA ALA B 243 6.24 56.31 19.42
C ALA B 243 6.19 57.56 18.57
N THR B 244 7.13 58.49 18.75
CA THR B 244 7.20 59.71 17.96
C THR B 244 7.86 59.50 16.60
N THR B 245 8.17 58.24 16.24
CA THR B 245 8.79 57.87 14.97
C THR B 245 7.75 57.30 14.02
N PRO B 246 7.70 57.77 12.77
CA PRO B 246 6.81 57.14 11.79
C PRO B 246 7.17 55.67 11.57
N GLY B 247 6.15 54.87 11.27
CA GLY B 247 6.34 53.45 11.07
C GLY B 247 5.69 52.99 9.78
N ARG B 248 6.14 51.82 9.32
CA ARG B 248 5.63 51.21 8.09
C ARG B 248 4.44 50.32 8.39
N VAL B 249 3.39 50.45 7.59
CA VAL B 249 2.16 49.68 7.77
C VAL B 249 2.15 48.43 6.89
N GLU B 250 2.57 48.58 5.62
CA GLU B 250 2.61 47.44 4.70
C GLU B 250 3.53 46.36 5.23
N GLY B 251 3.04 45.12 5.20
CA GLY B 251 3.79 43.98 5.65
C GLY B 251 3.98 43.88 7.15
N ASN B 252 3.55 44.88 7.91
CA ASN B 252 3.72 44.89 9.36
C ASN B 252 2.72 43.95 10.02
N PRO B 253 3.17 42.90 10.71
CA PRO B 253 2.22 41.95 11.33
C PRO B 253 1.15 42.62 12.18
N LEU B 254 1.49 43.74 12.82
CA LEU B 254 0.52 44.44 13.67
C LEU B 254 -0.72 44.82 12.88
N PHE B 255 -0.54 45.37 11.68
CA PHE B 255 -1.69 45.79 10.90
C PHE B 255 -2.23 44.68 10.01
N ILE B 256 -1.44 43.64 9.73
CA ILE B 256 -1.99 42.44 9.12
C ILE B 256 -2.98 41.78 10.07
N TYR B 257 -2.58 41.62 11.33
CA TYR B 257 -3.46 41.02 12.33
C TYR B 257 -4.69 41.90 12.56
N HIS B 258 -4.47 43.22 12.64
CA HIS B 258 -5.59 44.14 12.77
C HIS B 258 -6.56 44.00 11.60
N ASP B 259 -6.02 43.93 10.39
CA ASP B 259 -6.87 43.75 9.21
C ASP B 259 -7.69 42.47 9.31
N LEU B 260 -7.10 41.40 9.84
CA LEU B 260 -7.76 40.10 9.85
C LEU B 260 -8.66 39.88 11.05
N PHE B 261 -8.39 40.53 12.19
CA PHE B 261 -9.06 40.18 13.44
C PHE B 261 -9.79 41.33 14.12
N ASN B 262 -9.59 42.57 13.67
CA ASN B 262 -10.28 43.71 14.25
C ASN B 262 -11.45 44.09 13.37
N PRO B 263 -12.69 43.95 13.82
CA PRO B 263 -13.85 44.30 12.98
C PRO B 263 -14.11 45.79 12.86
N HIS B 264 -13.34 46.64 13.53
CA HIS B 264 -13.58 48.08 13.57
C HIS B 264 -12.69 48.75 12.53
N LYS B 265 -13.17 48.80 11.29
CA LYS B 265 -12.35 49.28 10.18
C LYS B 265 -11.98 50.74 10.35
N GLU B 266 -12.93 51.57 10.79
CA GLU B 266 -12.63 52.98 11.01
C GLU B 266 -11.62 53.17 12.14
N GLU B 267 -11.65 52.30 13.15
CA GLU B 267 -10.62 52.33 14.18
C GLU B 267 -9.25 51.96 13.61
N VAL B 268 -9.20 50.89 12.80
CA VAL B 268 -7.94 50.44 12.24
C VAL B 268 -7.33 51.51 11.34
N GLU B 269 -8.17 52.19 10.54
CA GLU B 269 -7.65 53.24 9.67
C GLU B 269 -7.00 54.36 10.48
N GLU B 270 -7.65 54.78 11.57
CA GLU B 270 -7.07 55.84 12.39
C GLU B 270 -5.77 55.37 13.04
N PHE B 271 -5.64 54.08 13.34
CA PHE B 271 -4.38 53.55 13.84
C PHE B 271 -3.31 53.58 12.76
N LYS B 272 -3.65 53.16 11.53
CA LYS B 272 -2.67 53.19 10.45
C LYS B 272 -2.17 54.60 10.20
N THR B 273 -3.10 55.56 10.17
CA THR B 273 -2.71 56.95 9.87
C THR B 273 -1.86 57.54 10.99
N ARG B 274 -2.28 57.35 12.25
CA ARG B 274 -1.47 57.85 13.35
C ARG B 274 -0.12 57.13 13.42
N TYR B 275 -0.08 55.87 13.00
CA TYR B 275 1.17 55.11 12.95
C TYR B 275 2.13 55.70 11.92
N ARG B 276 1.63 56.00 10.72
CA ARG B 276 2.47 56.58 9.68
C ARG B 276 3.03 57.94 10.07
N GLN B 277 2.36 58.65 10.99
CA GLN B 277 2.79 59.97 11.42
C GLN B 277 3.63 59.93 12.69
N GLY B 278 3.62 58.82 13.42
CA GLY B 278 4.25 58.78 14.72
C GLY B 278 3.44 59.58 15.73
N CYS B 279 2.13 59.34 15.75
CA CYS B 279 1.20 60.05 16.63
C CYS B 279 0.38 59.09 17.47
N ILE B 280 0.94 57.90 17.74
CA ILE B 280 0.28 56.89 18.54
C ILE B 280 1.34 55.96 19.12
N ARG B 281 1.06 55.42 20.29
CA ARG B 281 1.96 54.49 20.95
C ARG B 281 1.61 53.06 20.58
N ASP B 282 2.65 52.22 20.48
CA ASP B 282 2.43 50.81 20.15
C ASP B 282 1.55 50.13 21.19
N VAL B 283 1.70 50.50 22.46
CA VAL B 283 0.90 49.88 23.50
C VAL B 283 -0.59 50.07 23.22
N GLU B 284 -0.98 51.25 22.70
CA GLU B 284 -2.38 51.45 22.37
C GLU B 284 -2.80 50.55 21.20
N VAL B 285 -2.03 50.58 20.11
CA VAL B 285 -2.38 49.77 18.95
C VAL B 285 -2.38 48.29 19.28
N LYS B 286 -1.42 47.86 20.11
CA LYS B 286 -1.35 46.45 20.48
C LYS B 286 -2.42 46.06 21.48
N ALA B 287 -2.75 46.96 22.42
CA ALA B 287 -3.82 46.66 23.36
C ALA B 287 -5.12 46.39 22.62
N ARG B 288 -5.45 47.22 21.63
CA ARG B 288 -6.69 47.03 20.88
C ARG B 288 -6.66 45.70 20.14
N LEU B 289 -5.53 45.37 19.51
CA LEU B 289 -5.43 44.11 18.79
C LEU B 289 -5.58 42.92 19.73
N ALA B 290 -4.86 42.94 20.86
CA ALA B 290 -4.99 41.84 21.80
C ALA B 290 -6.41 41.72 22.30
N GLU B 291 -7.07 42.86 22.57
CA GLU B 291 -8.47 42.83 22.97
C GLU B 291 -9.33 42.16 21.91
N GLU B 292 -9.17 42.54 20.65
CA GLU B 292 -10.02 41.99 19.60
C GLU B 292 -9.76 40.51 19.37
N ILE B 293 -8.49 40.09 19.35
CA ILE B 293 -8.19 38.65 19.26
C ILE B 293 -8.77 37.91 20.46
N ASN B 294 -8.63 38.47 21.66
CA ASN B 294 -9.17 37.81 22.86
C ASN B 294 -10.69 37.72 22.82
N LEU B 295 -11.37 38.78 22.35
CA LEU B 295 -12.82 38.70 22.21
C LEU B 295 -13.23 37.67 21.15
N PHE B 296 -12.46 37.58 20.07
CA PHE B 296 -12.70 36.59 19.03
C PHE B 296 -12.54 35.17 19.57
N LEU B 297 -11.52 34.94 20.38
CA LEU B 297 -11.27 33.59 20.88
C LEU B 297 -12.18 33.21 22.04
N ASN B 298 -12.68 34.18 22.80
CA ASN B 298 -13.43 33.85 24.01
C ASN B 298 -14.56 32.87 23.79
N PRO B 299 -15.43 33.01 22.77
CA PRO B 299 -16.47 31.99 22.58
C PRO B 299 -15.91 30.61 22.37
N PHE B 300 -14.76 30.52 21.67
CA PHE B 300 -14.12 29.21 21.48
C PHE B 300 -13.62 28.67 22.81
N ARG B 301 -13.10 29.54 23.69
CA ARG B 301 -12.63 29.09 24.99
C ARG B 301 -13.76 28.48 25.81
N GLU B 302 -14.92 29.13 25.79
CA GLU B 302 -16.06 28.65 26.56
C GLU B 302 -16.52 27.28 26.05
N LYS B 303 -16.63 27.13 24.73
CA LYS B 303 -17.04 25.86 24.18
C LYS B 303 -15.98 24.79 24.42
N ARG B 304 -14.70 25.15 24.25
CA ARG B 304 -13.65 24.18 24.48
C ARG B 304 -13.67 23.67 25.92
N SER B 305 -13.96 24.56 26.87
CA SER B 305 -14.05 24.15 28.27
C SER B 305 -15.17 23.13 28.48
N GLU B 306 -16.31 23.32 27.81
CA GLU B 306 -17.40 22.35 27.94
C GLU B 306 -16.99 20.99 27.37
N LEU B 307 -16.29 21.02 26.23
CA LEU B 307 -15.87 19.77 25.57
C LEU B 307 -14.83 19.03 26.41
N VAL B 308 -13.87 19.75 26.97
CA VAL B 308 -12.88 19.10 27.82
C VAL B 308 -13.53 18.52 29.07
N ALA B 309 -14.54 19.22 29.60
CA ALA B 309 -15.22 18.74 30.78
C ALA B 309 -16.08 17.52 30.51
N GLN B 310 -16.54 17.34 29.27
CA GLN B 310 -17.36 16.18 28.91
C GLN B 310 -16.82 15.55 27.64
N PRO B 311 -15.74 14.75 27.75
CA PRO B 311 -15.09 14.21 26.56
C PRO B 311 -15.96 13.26 25.76
N LYS B 312 -17.07 12.77 26.32
CA LYS B 312 -17.98 11.95 25.53
C LYS B 312 -18.49 12.73 24.32
N PHE B 313 -18.58 14.06 24.42
CA PHE B 313 -18.91 14.87 23.24
C PHE B 313 -17.90 14.65 22.12
N LEU B 314 -16.61 14.68 22.46
CA LEU B 314 -15.60 14.48 21.43
C LEU B 314 -15.69 13.07 20.87
N GLU B 315 -15.82 12.08 21.76
CA GLU B 315 -15.93 10.70 21.30
C GLU B 315 -17.15 10.52 20.40
N GLU B 316 -18.29 11.05 20.83
CA GLU B 316 -19.51 10.87 20.04
C GLU B 316 -19.41 11.55 18.68
N ALA B 317 -18.75 12.71 18.62
CA ALA B 317 -18.59 13.41 17.35
C ALA B 317 -17.75 12.58 16.37
N LEU B 318 -16.62 12.06 16.85
CA LEU B 318 -15.79 11.24 15.97
C LEU B 318 -16.45 9.91 15.65
N GLN B 319 -17.18 9.32 16.61
CA GLN B 319 -17.90 8.08 16.32
C GLN B 319 -18.94 8.29 15.23
N GLN B 320 -19.69 9.39 15.31
CA GLN B 320 -20.76 9.64 14.36
C GLN B 320 -20.22 9.83 12.95
N GLY B 321 -19.15 10.62 12.81
CA GLY B 321 -18.57 10.86 11.50
C GLY B 321 -17.83 9.64 10.96
N THR B 322 -17.14 8.90 11.83
CA THR B 322 -16.47 7.69 11.37
C THR B 322 -17.46 6.65 10.90
N GLU B 323 -18.62 6.56 11.56
CA GLU B 323 -19.62 5.60 11.11
C GLU B 323 -20.18 5.98 9.76
N LYS B 324 -20.39 7.28 9.51
CA LYS B 324 -20.86 7.72 8.20
C LYS B 324 -19.83 7.40 7.13
N MET B 325 -18.56 7.72 7.38
CA MET B 325 -17.51 7.41 6.40
C MET B 325 -17.41 5.90 6.20
N ARG B 326 -17.55 5.12 7.28
CA ARG B 326 -17.47 3.67 7.14
C ARG B 326 -18.59 3.16 6.24
N THR B 327 -19.79 3.73 6.36
CA THR B 327 -20.88 3.31 5.49
C THR B 327 -20.57 3.64 4.04
N VAL B 328 -20.12 4.86 3.78
CA VAL B 328 -19.74 5.25 2.42
C VAL B 328 -18.65 4.34 1.89
N ALA B 329 -17.63 4.08 2.71
CA ALA B 329 -16.49 3.28 2.27
C ALA B 329 -16.92 1.88 1.88
N ARG B 330 -17.83 1.27 2.65
CA ARG B 330 -18.31 -0.06 2.31
C ARG B 330 -19.06 -0.03 0.96
N GLU B 331 -19.91 0.98 0.75
CA GLU B 331 -20.66 1.07 -0.50
C GLU B 331 -19.72 1.31 -1.68
N THR B 332 -18.72 2.18 -1.50
CA THR B 332 -17.76 2.42 -2.56
C THR B 332 -17.00 1.14 -2.90
N MET B 333 -16.53 0.41 -1.90
CA MET B 333 -15.72 -0.77 -2.22
C MET B 333 -16.56 -1.90 -2.80
N GLU B 334 -17.85 -1.94 -2.47
CA GLU B 334 -18.71 -2.91 -3.15
C GLU B 334 -18.71 -2.64 -4.65
N GLU B 335 -18.77 -1.37 -5.04
CA GLU B 335 -18.74 -1.00 -6.46
C GLU B 335 -17.37 -1.32 -7.06
N VAL B 336 -16.31 -0.98 -6.35
CA VAL B 336 -14.95 -1.25 -6.84
C VAL B 336 -14.78 -2.75 -7.10
N HIS B 337 -15.18 -3.57 -6.14
CA HIS B 337 -15.03 -5.01 -6.32
C HIS B 337 -15.86 -5.51 -7.50
N ASP B 338 -17.07 -4.98 -7.66
CA ASP B 338 -17.92 -5.39 -8.77
C ASP B 338 -17.32 -4.99 -10.11
N HIS B 339 -16.60 -3.87 -10.17
CA HIS B 339 -16.01 -3.44 -11.42
C HIS B 339 -14.61 -4.03 -11.66
N LEU B 340 -13.75 -4.01 -10.65
CA LEU B 340 -12.42 -4.61 -10.79
C LEU B 340 -12.52 -6.13 -10.95
N GLY B 341 -13.22 -6.79 -10.04
CA GLY B 341 -13.51 -8.20 -10.19
C GLY B 341 -12.35 -9.14 -9.96
N LEU B 342 -11.34 -8.72 -9.22
CA LEU B 342 -10.18 -9.58 -9.00
C LEU B 342 -10.60 -10.79 -8.17
N SER B 343 -10.42 -11.98 -8.74
CA SER B 343 -10.73 -13.24 -8.06
C SER B 343 -12.19 -13.28 -7.57
N ARG B 344 -13.09 -12.69 -8.37
CA ARG B 344 -14.46 -12.50 -7.89
CA ARG B 344 -14.48 -12.51 -7.95
C ARG B 344 -15.14 -13.84 -7.61
N LYS B 345 -14.89 -14.86 -8.43
CA LYS B 345 -15.55 -16.14 -8.20
C LYS B 345 -15.03 -16.79 -6.92
N TRP B 346 -13.72 -16.76 -6.70
CA TRP B 346 -13.15 -17.37 -5.51
C TRP B 346 -13.48 -16.55 -4.26
N ARG B 347 -13.62 -15.23 -4.40
CA ARG B 347 -14.04 -14.45 -3.24
C ARG B 347 -15.47 -14.81 -2.81
N THR B 348 -16.35 -15.15 -3.75
CA THR B 348 -17.68 -15.58 -3.35
C THR B 348 -17.61 -16.90 -2.57
N ILE B 349 -16.77 -17.81 -3.05
CA ILE B 349 -16.59 -19.12 -2.41
C ILE B 349 -16.04 -18.95 -1.00
N LEU B 350 -15.09 -18.02 -0.82
CA LEU B 350 -14.46 -17.79 0.49
C LEU B 350 -15.35 -17.00 1.43
N ALA B 351 -16.55 -16.63 0.99
CA ALA B 351 -17.58 -16.08 1.84
C ALA B 351 -18.74 -17.05 2.07
N SER B 352 -18.95 -18.01 1.17
CA SER B 352 -19.99 -19.01 1.33
C SER B 352 -19.66 -20.05 2.39
N SER B 353 -18.43 -20.04 2.91
CA SER B 353 -18.02 -20.92 4.00
C SER B 353 -16.64 -20.52 4.52
#